data_9L79
#
_entry.id   9L79
#
loop_
_entity.id
_entity.type
_entity.pdbx_description
1 polymer 'Glucose-dependent insulinotropic receptor'
2 polymer 'Guanine nucleotide-binding protein G(I)/G(S)/G(T) subunit beta-1'
3 polymer 'Guanine nucleotide-binding protein G(I)/G(S)/G(O) subunit gamma-2'
4 polymer 'Guanine nucleotide-binding protein G(s) subunit alpha isoforms short'
5 polymer scFv16
6 polymer NB35
7 non-polymer N-(2-fluoranyl-4-methylsulfonyl-phenyl)-5-nitro-6-[4-(3-propan-2-yl-1,2,4-oxadiazol-5-yl)piperidin-1-yl]pyrimidin-4-amine
#
loop_
_entity_poly.entity_id
_entity_poly.type
_entity_poly.pdbx_seq_one_letter_code
_entity_poly.pdbx_strand_id
1 'polypeptide(L)'
;MKTIIALSYIFCLVFADYKDDDDAMESSFSFGVILAVLASLIIATNTLVAVAVLLLIHKNDGVSLCFTLNLAVADTLIGV
AISGLLTDQLSSPSRPTQKTLCSLRMAFVTSSAAASVLTVMLITFDRYLAIKQPFRYLKIMSGFVAGACIAGLWLVSYLI
GFLPLGIPMFQQTAYKGQCSFFAVFHPHFVLTLSCVGFFPAMLLFVFFYCDMLKIASMHSQQIRKMEHAGAMAGGYRSPR
TPSDFKALRTVSVLIGSFALSWTPFLITGIVQVACQECHLYLVLERYLWLLGVGNSLLNPLIYAYWQKEVRLQLYHMALG
VKKVLTSFLLFLSARNCGPERPRESSCHIVTISSSEFDG
;
R
2 'polypeptide(L)'
;MHHHHHHGSLLQSELDQLRQEAEQLKNQIRDARKACADATLSQITNNIDPVGRIQMRTRRTLRGHLAKIYAMHWGTDSRL
LVSASQDGKLIIWDSYTTNKVHAIPLRSSWVMTCAYAPSGNYVACGGLDNICSIYNLKTREGNVRVSRELAGHTGYLSCC
RFLDDNQIVTSSGDTTCALWDIETGQQTTTFTGHTGDVMSLSLAPDTRLFVSGACDASAKLWDVREGMCRQTFTGHESDI
NAICFFPNGNAFATGSDDATCRLFDLRADQELMTYSHDNIICGITSVSFSKSGRLLLAGYDDFNCNVWDALKADRAGVLA
GHDNRVSCLGVTDDGMAVATGSWDSFLKIWN
;
B
3 'polypeptide(L)' MASNNTASIAQARKLVEQLKMEANIDRIKVSKAAADLMAYCEAHAKEDPLLTPVPASENPFREKKFFC G
4 'polypeptide(L)'
;GCTLSAEDKAAVERSKMIEKQLQKDKQVYRATHRLLLLGADNSGKSTIVKQMRILHGGSGGSGGTSGIFETKFQVDKVNF
HMFDVGGQRDERRKWIQCFNDVTAIIFVVDSSDYNRLQEALNDFKSIWNNRWLRTISVILFLNKQDLLAEKVLAGKSKIE
DYFPEFARYTTPEDATPEPGEDPRVTRAKYFIRDEFLRISTASGDGRHYCYPHFTCAVDTENARRIFNDCRDIIQRMHLR
QYELL
;
A
5 'polypeptide(L)'
;DVQLVESGGGLVQPGGSRKLSCSASGFAFSSFGMHWVRQAPEKGLEWVAYISSGSGTIYYADTVKGRFTISRDDPKNTLF
LQMTSLRSEDTAMYYCVRSIYYYGSSPFDFWGQGTTLTVSSGGGGSGGGGSGGGGSDIVMTQATSSVPVTPGESVSISCR
SSKSLLHSNGNTYLYWFLQRPGQSPQLLIYRMSNLASGVPDRFSGSGSGTAFTLTISRLEAEDVGVYYCMQHLEYPLTFG
AGTKLELKAAAHHHHHHHH
;
S
6 'polypeptide(L)'
;QVQLQESGGGLVQPGGSLRLSCAASGFTFSNYKMNWVRQAPGKGLEWVSDISQSGASISYTGSVKGRFTISRDNAKNTLY
LQMNSLKPEDTAVYYCARCPAPFTRDCFDVTSTTYAYRGQGTQVTVSSHHHHHHEPEA
;
N
#
# COMPACT_ATOMS: atom_id res chain seq x y z
N PHE A 29 31.56 6.31 -56.79
CA PHE A 29 30.20 6.57 -56.34
C PHE A 29 29.65 5.40 -55.54
N SER A 30 30.50 4.84 -54.67
CA SER A 30 30.12 3.72 -53.82
C SER A 30 29.48 4.16 -52.52
N PHE A 31 28.95 5.38 -52.45
CA PHE A 31 28.35 5.90 -51.23
C PHE A 31 26.87 5.52 -51.14
N GLY A 32 26.56 4.24 -51.38
CA GLY A 32 25.23 3.74 -51.19
C GLY A 32 25.16 2.51 -50.30
N VAL A 33 26.26 1.75 -50.27
CA VAL A 33 26.26 0.48 -49.54
C VAL A 33 26.23 0.72 -48.04
N ILE A 34 26.97 1.72 -47.56
CA ILE A 34 27.05 1.96 -46.12
C ILE A 34 25.84 2.71 -45.60
N LEU A 35 25.15 3.49 -46.45
CA LEU A 35 24.02 4.28 -45.97
C LEU A 35 22.82 3.40 -45.66
N ALA A 36 22.54 2.43 -46.53
CA ALA A 36 21.36 1.57 -46.32
C ALA A 36 21.52 0.73 -45.07
N VAL A 37 22.72 0.19 -44.82
CA VAL A 37 22.93 -0.63 -43.64
C VAL A 37 22.97 0.22 -42.37
N LEU A 38 23.48 1.45 -42.47
CA LEU A 38 23.62 2.29 -41.27
C LEU A 38 22.25 2.69 -40.71
N ALA A 39 21.32 3.06 -41.59
CA ALA A 39 19.99 3.47 -41.12
C ALA A 39 19.20 2.29 -40.57
N SER A 40 19.53 1.07 -40.99
CA SER A 40 18.79 -0.09 -40.53
C SER A 40 18.97 -0.32 -39.03
N LEU A 41 20.20 -0.15 -38.53
CA LEU A 41 20.45 -0.36 -37.11
C LEU A 41 19.79 0.73 -36.26
N ILE A 42 19.79 1.97 -36.74
CA ILE A 42 19.22 3.07 -35.97
C ILE A 42 17.73 2.86 -35.74
N ILE A 43 17.01 2.45 -36.79
CA ILE A 43 15.57 2.26 -36.66
C ILE A 43 15.26 1.09 -35.74
N ALA A 44 15.98 -0.02 -35.89
CA ALA A 44 15.64 -1.23 -35.14
C ALA A 44 16.06 -1.13 -33.68
N THR A 45 17.24 -0.57 -33.41
CA THR A 45 17.76 -0.57 -32.05
C THR A 45 17.00 0.40 -31.16
N ASN A 46 16.73 1.61 -31.67
CA ASN A 46 16.08 2.63 -30.85
C ASN A 46 14.65 2.23 -30.48
N THR A 47 13.91 1.64 -31.41
CA THR A 47 12.54 1.22 -31.11
C THR A 47 12.51 0.02 -30.18
N LEU A 48 13.62 -0.70 -30.03
CA LEU A 48 13.67 -1.78 -29.05
C LEU A 48 13.78 -1.24 -27.63
N VAL A 49 14.57 -0.17 -27.45
CA VAL A 49 14.73 0.40 -26.12
C VAL A 49 13.45 1.10 -25.66
N ALA A 50 12.77 1.78 -26.59
CA ALA A 50 11.57 2.53 -26.23
C ALA A 50 10.47 1.62 -25.69
N VAL A 51 10.44 0.36 -26.13
CA VAL A 51 9.44 -0.58 -25.62
C VAL A 51 9.66 -0.86 -24.14
N ALA A 52 10.93 -1.07 -23.74
CA ALA A 52 11.23 -1.40 -22.36
C ALA A 52 10.89 -0.25 -21.42
N VAL A 53 11.17 0.99 -21.83
CA VAL A 53 10.94 2.14 -20.96
C VAL A 53 9.45 2.33 -20.71
N LEU A 54 8.63 2.22 -21.75
CA LEU A 54 7.20 2.48 -21.60
C LEU A 54 6.54 1.44 -20.71
N LEU A 55 7.05 0.21 -20.70
CA LEU A 55 6.48 -0.83 -19.84
C LEU A 55 6.69 -0.50 -18.37
N LEU A 56 7.86 0.04 -18.01
CA LEU A 56 8.13 0.40 -16.62
C LEU A 56 7.32 1.60 -16.17
N ILE A 57 6.83 2.43 -17.11
CA ILE A 57 5.96 3.54 -16.73
C ILE A 57 4.66 3.01 -16.15
N HIS A 58 4.17 1.88 -16.67
CA HIS A 58 2.91 1.30 -16.20
C HIS A 58 3.05 0.57 -14.88
N LYS A 59 4.26 0.37 -14.36
CA LYS A 59 4.47 -0.38 -13.14
C LYS A 59 4.74 0.49 -11.91
N ASN A 60 5.00 1.78 -12.10
CA ASN A 60 5.27 2.68 -10.99
C ASN A 60 5.04 4.11 -11.45
N ASP A 61 5.21 5.05 -10.52
CA ASP A 61 5.05 6.47 -10.80
C ASP A 61 6.42 7.12 -10.87
N GLY A 62 6.67 7.86 -11.96
CA GLY A 62 7.93 8.53 -12.15
C GLY A 62 7.90 9.51 -13.29
N VAL A 63 8.40 10.73 -13.05
CA VAL A 63 8.38 11.76 -14.09
C VAL A 63 9.68 11.75 -14.90
N SER A 64 10.79 11.31 -14.30
CA SER A 64 12.07 11.29 -15.00
C SER A 64 12.07 10.33 -16.19
N LEU A 65 11.16 9.34 -16.20
CA LEU A 65 11.09 8.40 -17.32
C LEU A 65 10.42 9.00 -18.55
N CYS A 66 9.67 10.09 -18.39
CA CYS A 66 8.99 10.69 -19.54
C CYS A 66 9.99 11.26 -20.53
N PHE A 67 11.05 11.90 -20.04
CA PHE A 67 12.06 12.46 -20.94
C PHE A 67 12.87 11.37 -21.62
N THR A 68 13.11 10.24 -20.94
CA THR A 68 13.87 9.15 -21.54
C THR A 68 13.11 8.54 -22.72
N LEU A 69 11.79 8.42 -22.61
CA LEU A 69 11.00 7.88 -23.70
C LEU A 69 11.03 8.80 -24.92
N ASN A 70 11.00 10.11 -24.70
CA ASN A 70 10.99 11.06 -25.80
C ASN A 70 12.28 11.00 -26.61
N LEU A 71 13.41 10.74 -25.96
CA LEU A 71 14.67 10.66 -26.67
C LEU A 71 14.71 9.48 -27.64
N ALA A 72 14.15 8.33 -27.23
CA ALA A 72 14.13 7.17 -28.09
C ALA A 72 13.21 7.36 -29.29
N VAL A 73 12.12 8.11 -29.11
CA VAL A 73 11.23 8.40 -30.24
C VAL A 73 11.91 9.39 -31.20
N ALA A 74 12.57 10.40 -30.67
CA ALA A 74 13.21 11.40 -31.52
C ALA A 74 14.37 10.82 -32.31
N ASP A 75 15.11 9.88 -31.73
CA ASP A 75 16.21 9.24 -32.44
C ASP A 75 15.72 8.27 -33.51
N THR A 76 14.47 7.84 -33.44
CA THR A 76 13.93 6.94 -34.45
C THR A 76 13.63 7.67 -35.76
N LEU A 77 13.13 8.90 -35.67
CA LEU A 77 12.78 9.66 -36.87
C LEU A 77 14.00 9.99 -37.72
N ILE A 78 15.19 10.05 -37.12
CA ILE A 78 16.40 10.25 -37.92
C ILE A 78 16.61 9.10 -38.88
N GLY A 79 16.43 7.86 -38.40
CA GLY A 79 16.57 6.71 -39.28
C GLY A 79 15.53 6.68 -40.37
N VAL A 80 14.29 7.08 -40.04
CA VAL A 80 13.23 7.11 -41.05
C VAL A 80 13.54 8.15 -42.12
N ALA A 81 13.98 9.35 -41.70
CA ALA A 81 14.29 10.40 -42.66
C ALA A 81 15.47 10.03 -43.55
N ILE A 82 16.49 9.40 -42.97
CA ILE A 82 17.64 8.96 -43.76
C ILE A 82 17.23 7.88 -44.75
N SER A 83 16.30 7.00 -44.36
CA SER A 83 15.85 5.94 -45.25
C SER A 83 15.17 6.48 -46.51
N GLY A 84 14.76 7.74 -46.50
CA GLY A 84 14.19 8.36 -47.68
C GLY A 84 15.20 8.89 -48.68
N LEU A 85 16.49 8.74 -48.39
CA LEU A 85 17.55 9.21 -49.29
C LEU A 85 18.24 8.08 -50.04
N LEU A 86 17.77 6.83 -49.89
CA LEU A 86 18.36 5.73 -50.65
C LEU A 86 18.15 5.91 -52.15
N THR A 87 16.95 6.35 -52.54
CA THR A 87 16.70 6.63 -53.95
C THR A 87 17.59 7.78 -54.44
N ASP A 88 17.72 8.83 -53.62
CA ASP A 88 18.62 9.93 -53.97
C ASP A 88 20.08 9.46 -53.99
N GLN A 89 20.47 8.63 -53.03
CA GLN A 89 21.83 8.12 -52.90
C GLN A 89 22.84 9.26 -52.79
N THR A 97 16.16 16.99 -58.71
CA THR A 97 15.10 16.19 -59.33
C THR A 97 13.88 17.05 -59.64
N GLN A 98 13.60 18.02 -58.77
CA GLN A 98 12.50 18.94 -58.97
C GLN A 98 12.74 20.19 -58.14
N LYS A 99 11.99 21.24 -58.45
CA LYS A 99 12.12 22.51 -57.75
C LYS A 99 11.45 22.52 -56.39
N THR A 100 10.58 21.55 -56.11
CA THR A 100 9.89 21.51 -54.82
C THR A 100 9.80 20.11 -54.21
N LEU A 101 10.43 19.10 -54.84
CA LEU A 101 10.38 17.74 -54.30
C LEU A 101 11.47 17.51 -53.26
N CYS A 102 12.73 17.75 -53.64
CA CYS A 102 13.84 17.56 -52.71
C CYS A 102 14.03 18.74 -51.77
N SER A 103 13.39 19.88 -52.04
CA SER A 103 13.44 20.98 -51.09
C SER A 103 12.75 20.63 -49.78
N LEU A 104 11.63 19.89 -49.86
CA LEU A 104 10.94 19.47 -48.66
C LEU A 104 11.68 18.34 -47.95
N ARG A 105 12.44 17.53 -48.69
CA ARG A 105 13.18 16.44 -48.07
C ARG A 105 14.28 16.95 -47.17
N MET A 106 14.99 18.00 -47.60
CA MET A 106 16.08 18.55 -46.80
C MET A 106 15.60 19.31 -45.57
N ALA A 107 14.29 19.58 -45.46
CA ALA A 107 13.76 20.28 -44.30
C ALA A 107 13.25 19.33 -43.23
N PHE A 108 12.93 18.08 -43.58
CA PHE A 108 12.48 17.12 -42.59
C PHE A 108 13.64 16.60 -41.75
N VAL A 109 14.80 16.39 -42.36
CA VAL A 109 15.96 15.91 -41.61
C VAL A 109 16.49 16.97 -40.65
N THR A 110 16.35 18.25 -41.02
CA THR A 110 16.85 19.31 -40.15
C THR A 110 16.05 19.41 -38.85
N SER A 111 14.73 19.17 -38.93
CA SER A 111 13.90 19.27 -37.73
C SER A 111 14.09 18.07 -36.82
N SER A 112 14.41 16.90 -37.38
CA SER A 112 14.56 15.70 -36.55
C SER A 112 15.83 15.76 -35.72
N ALA A 113 16.94 16.18 -36.32
CA ALA A 113 18.21 16.26 -35.60
C ALA A 113 18.28 17.47 -34.67
N ALA A 114 17.30 18.38 -34.72
CA ALA A 114 17.26 19.51 -33.81
C ALA A 114 16.45 19.22 -32.56
N ALA A 115 15.50 18.29 -32.64
CA ALA A 115 14.68 17.92 -31.49
C ALA A 115 15.30 16.82 -30.65
N SER A 116 16.40 16.21 -31.12
CA SER A 116 17.13 15.25 -30.29
C SER A 116 18.27 15.91 -29.53
N VAL A 117 18.80 17.03 -30.05
CA VAL A 117 19.76 17.81 -29.29
C VAL A 117 19.06 18.54 -28.14
N LEU A 118 17.84 19.04 -28.39
CA LEU A 118 17.13 19.80 -27.37
C LEU A 118 16.66 18.93 -26.22
N THR A 119 16.42 17.63 -26.48
CA THR A 119 16.00 16.73 -25.40
C THR A 119 17.14 16.46 -24.42
N VAL A 120 18.38 16.39 -24.92
CA VAL A 120 19.51 16.15 -24.04
C VAL A 120 19.71 17.33 -23.10
N MET A 121 19.52 18.54 -23.60
CA MET A 121 19.59 19.73 -22.74
C MET A 121 18.46 19.76 -21.73
N LEU A 122 17.34 19.09 -22.01
CA LEU A 122 16.23 19.03 -21.07
C LEU A 122 16.50 18.08 -19.91
N ILE A 123 17.23 16.98 -20.17
CA ILE A 123 17.55 16.03 -19.11
C ILE A 123 18.54 16.62 -18.13
N THR A 124 19.52 17.38 -18.63
CA THR A 124 20.55 17.95 -17.76
C THR A 124 19.96 18.93 -16.76
N PHE A 125 19.00 19.76 -17.20
CA PHE A 125 18.38 20.72 -16.30
C PHE A 125 17.56 20.02 -15.23
N ASP A 126 16.91 18.91 -15.58
CA ASP A 126 16.13 18.16 -14.60
C ASP A 126 17.02 17.57 -13.53
N ARG A 127 18.18 17.01 -13.92
CA ARG A 127 19.11 16.45 -12.94
C ARG A 127 19.69 17.53 -12.04
N TYR A 128 19.94 18.72 -12.60
CA TYR A 128 20.59 19.78 -11.84
C TYR A 128 19.72 20.27 -10.70
N LEU A 129 18.41 20.42 -10.92
CA LEU A 129 17.54 21.01 -9.91
C LEU A 129 17.28 20.05 -8.75
N ALA A 130 17.25 18.75 -9.00
CA ALA A 130 16.95 17.78 -7.95
C ALA A 130 18.08 17.66 -6.93
N ILE A 131 19.25 18.21 -7.21
CA ILE A 131 20.37 18.15 -6.29
C ILE A 131 20.65 19.51 -5.66
N LYS A 132 20.54 20.59 -6.44
CA LYS A 132 20.80 21.92 -5.91
C LYS A 132 19.70 22.37 -4.95
N GLN A 133 18.43 22.12 -5.30
CA GLN A 133 17.28 22.51 -4.49
C GLN A 133 16.34 21.33 -4.35
N PRO A 134 16.63 20.42 -3.41
CA PRO A 134 15.80 19.21 -3.29
C PRO A 134 14.44 19.44 -2.62
N PHE A 135 14.27 20.51 -1.84
CA PHE A 135 13.01 20.70 -1.12
C PHE A 135 11.95 21.36 -1.98
N ARG A 136 12.32 22.40 -2.73
CA ARG A 136 11.36 23.05 -3.62
C ARG A 136 11.07 22.23 -4.86
N TYR A 137 11.92 21.26 -5.18
CA TYR A 137 11.69 20.42 -6.34
C TYR A 137 10.51 19.46 -6.11
N LEU A 138 10.24 19.11 -4.86
CA LEU A 138 9.19 18.16 -4.54
C LEU A 138 7.80 18.80 -4.47
N LYS A 139 7.71 20.12 -4.63
CA LYS A 139 6.43 20.83 -4.59
C LYS A 139 5.91 21.14 -6.00
N ILE A 140 6.72 21.84 -6.80
CA ILE A 140 6.26 22.30 -8.10
C ILE A 140 6.13 21.15 -9.10
N MET A 141 6.99 20.13 -8.98
CA MET A 141 7.03 19.08 -9.99
C MET A 141 5.82 18.16 -9.88
N SER A 142 5.27 17.79 -11.02
CA SER A 142 4.12 16.89 -11.11
C SER A 142 4.06 16.34 -12.53
N GLY A 143 2.97 15.62 -12.85
CA GLY A 143 2.79 15.10 -14.19
C GLY A 143 2.33 16.13 -15.21
N PHE A 144 1.75 17.24 -14.75
CA PHE A 144 1.30 18.27 -15.67
C PHE A 144 2.46 19.12 -16.18
N VAL A 145 3.47 19.35 -15.34
CA VAL A 145 4.61 20.18 -15.76
C VAL A 145 5.41 19.47 -16.84
N ALA A 146 5.55 18.14 -16.74
CA ALA A 146 6.29 17.40 -17.74
C ALA A 146 5.59 17.44 -19.09
N GLY A 147 4.26 17.36 -19.10
CA GLY A 147 3.53 17.36 -20.37
C GLY A 147 3.63 18.68 -21.10
N ALA A 148 3.59 19.80 -20.37
CA ALA A 148 3.67 21.10 -21.01
C ALA A 148 5.06 21.36 -21.61
N CYS A 149 6.10 20.82 -21.00
CA CYS A 149 7.46 21.05 -21.51
C CYS A 149 7.71 20.27 -22.79
N ILE A 150 7.24 19.02 -22.85
CA ILE A 150 7.46 18.20 -24.04
C ILE A 150 6.69 18.75 -25.22
N ALA A 151 5.44 19.17 -24.99
CA ALA A 151 4.60 19.64 -26.10
C ALA A 151 5.19 20.88 -26.75
N GLY A 152 5.70 21.82 -25.96
CA GLY A 152 6.33 23.00 -26.51
C GLY A 152 7.71 22.78 -27.09
N LEU A 153 8.29 21.60 -26.88
CA LEU A 153 9.61 21.31 -27.44
C LEU A 153 9.52 21.07 -28.93
N TRP A 154 8.44 20.44 -29.41
CA TRP A 154 8.31 20.11 -30.81
C TRP A 154 7.96 21.32 -31.68
N LEU A 155 7.39 22.37 -31.09
CA LEU A 155 7.07 23.56 -31.88
C LEU A 155 8.31 24.33 -32.26
N VAL A 156 9.28 24.44 -31.34
CA VAL A 156 10.50 25.18 -31.63
C VAL A 156 11.32 24.44 -32.68
N SER A 157 11.36 23.11 -32.61
CA SER A 157 12.07 22.33 -33.62
C SER A 157 11.45 22.50 -34.99
N TYR A 158 10.11 22.52 -35.05
CA TYR A 158 9.42 22.70 -36.33
C TYR A 158 9.71 24.07 -36.93
N LEU A 159 9.73 25.11 -36.09
CA LEU A 159 9.94 26.46 -36.59
C LEU A 159 11.33 26.65 -37.18
N ILE A 160 12.32 25.94 -36.66
CA ILE A 160 13.69 26.09 -37.14
C ILE A 160 13.82 25.54 -38.56
N GLY A 161 13.14 24.43 -38.85
CA GLY A 161 13.32 23.75 -40.10
C GLY A 161 12.52 24.28 -41.28
N PHE A 162 11.20 24.43 -41.11
CA PHE A 162 10.32 24.71 -42.23
C PHE A 162 10.11 26.20 -42.50
N LEU A 163 10.64 27.08 -41.67
CA LEU A 163 10.50 28.51 -41.89
C LEU A 163 11.49 29.06 -42.92
N PRO A 164 12.76 28.61 -42.95
CA PRO A 164 13.70 29.13 -43.98
C PRO A 164 13.27 28.84 -45.42
N LEU A 165 12.16 28.14 -45.61
CA LEU A 165 11.63 27.89 -46.94
C LEU A 165 10.87 29.09 -47.50
N GLY A 166 10.66 30.13 -46.70
CA GLY A 166 9.95 31.32 -47.17
C GLY A 166 10.79 32.58 -47.12
N ILE A 167 11.81 32.58 -46.28
CA ILE A 167 12.68 33.76 -46.14
C ILE A 167 13.61 33.82 -47.36
N PRO A 168 13.67 34.95 -48.06
CA PRO A 168 14.52 35.04 -49.26
C PRO A 168 16.00 35.24 -48.98
N MET A 169 16.38 35.56 -47.74
CA MET A 169 17.80 35.70 -47.41
C MET A 169 18.54 34.38 -47.59
N PHE A 170 17.97 33.30 -47.05
CA PHE A 170 18.44 31.94 -47.31
C PHE A 170 17.88 31.47 -48.64
N GLN A 171 17.91 30.15 -48.88
CA GLN A 171 17.37 29.57 -50.11
C GLN A 171 18.14 30.08 -51.34
N GLN A 172 19.38 29.60 -51.43
CA GLN A 172 20.34 30.03 -52.45
C GLN A 172 19.85 29.73 -53.87
N THR A 173 20.68 30.07 -54.86
CA THR A 173 20.26 30.17 -56.25
C THR A 173 19.76 28.86 -56.83
N ALA A 174 19.31 28.90 -58.08
CA ALA A 174 18.51 27.83 -58.66
C ALA A 174 19.24 27.09 -59.77
N TYR A 175 20.49 26.71 -59.52
CA TYR A 175 21.25 25.95 -60.51
C TYR A 175 20.61 24.60 -60.82
N LYS A 176 19.71 24.12 -59.97
CA LYS A 176 18.94 22.89 -60.18
C LYS A 176 19.92 21.73 -60.23
N GLY A 177 19.88 20.87 -61.24
CA GLY A 177 20.77 19.72 -61.29
C GLY A 177 20.40 18.66 -60.27
N GLN A 178 21.30 18.35 -59.35
CA GLN A 178 20.85 17.34 -58.39
C GLN A 178 20.46 18.05 -57.10
N CYS A 179 20.35 17.33 -56.00
CA CYS A 179 19.95 17.86 -54.70
C CYS A 179 20.96 17.35 -53.66
N SER A 180 21.71 18.27 -53.06
CA SER A 180 22.74 17.92 -52.09
C SER A 180 22.76 18.89 -50.91
N PHE A 181 21.59 19.45 -50.56
CA PHE A 181 21.40 20.29 -49.38
C PHE A 181 22.06 21.65 -49.55
N PHE A 182 22.82 21.84 -50.63
CA PHE A 182 23.46 23.12 -50.89
C PHE A 182 22.98 23.77 -52.19
N ALA A 183 22.21 23.07 -53.01
CA ALA A 183 21.47 23.69 -54.10
C ALA A 183 20.12 24.22 -53.64
N VAL A 184 19.75 24.00 -52.38
CA VAL A 184 18.48 24.45 -51.84
C VAL A 184 18.65 25.36 -50.63
N PHE A 185 19.84 25.42 -50.03
CA PHE A 185 20.09 26.26 -48.87
C PHE A 185 21.41 26.99 -49.04
N HIS A 186 21.54 28.14 -48.37
CA HIS A 186 22.71 29.00 -48.43
C HIS A 186 23.62 28.77 -47.23
N PRO A 187 24.93 28.93 -47.39
CA PRO A 187 25.84 28.74 -46.26
C PRO A 187 25.61 29.72 -45.12
N HIS A 188 24.95 30.86 -45.38
CA HIS A 188 24.64 31.79 -44.30
C HIS A 188 23.69 31.18 -43.27
N PHE A 189 22.84 30.24 -43.70
CA PHE A 189 21.92 29.58 -42.77
C PHE A 189 22.68 28.80 -41.71
N VAL A 190 23.81 28.20 -42.09
CA VAL A 190 24.63 27.46 -41.13
C VAL A 190 25.27 28.42 -40.13
N LEU A 191 25.71 29.59 -40.59
CA LEU A 191 26.41 30.53 -39.71
C LEU A 191 25.51 31.03 -38.59
N THR A 192 24.24 31.35 -38.91
CA THR A 192 23.36 31.91 -37.90
C THR A 192 23.01 30.89 -36.82
N LEU A 193 22.64 29.67 -37.23
CA LEU A 193 22.16 28.69 -36.26
C LEU A 193 23.25 28.29 -35.28
N SER A 194 24.48 28.12 -35.77
CA SER A 194 25.57 27.66 -34.90
C SER A 194 25.92 28.71 -33.85
N CYS A 195 26.10 29.96 -34.26
CA CYS A 195 26.52 30.99 -33.32
C CYS A 195 25.40 31.41 -32.38
N VAL A 196 24.15 31.27 -32.81
CA VAL A 196 23.02 31.70 -31.98
C VAL A 196 22.65 30.62 -30.97
N GLY A 197 22.47 29.38 -31.43
CA GLY A 197 21.95 28.34 -30.56
C GLY A 197 22.95 27.33 -30.03
N PHE A 198 23.81 26.80 -30.90
CA PHE A 198 24.64 25.66 -30.50
C PHE A 198 25.74 26.06 -29.52
N PHE A 199 26.48 27.12 -29.83
CA PHE A 199 27.57 27.52 -28.95
C PHE A 199 27.10 27.98 -27.58
N PRO A 200 26.07 28.83 -27.44
CA PRO A 200 25.55 29.11 -26.10
C PRO A 200 25.01 27.89 -25.38
N ALA A 201 24.47 26.90 -26.11
CA ALA A 201 23.94 25.72 -25.46
C ALA A 201 25.05 24.79 -24.97
N MET A 202 26.18 24.77 -25.67
CA MET A 202 27.30 23.94 -25.23
C MET A 202 27.93 24.48 -23.96
N LEU A 203 27.90 25.81 -23.77
CA LEU A 203 28.49 26.40 -22.57
C LEU A 203 27.71 26.04 -21.32
N LEU A 204 26.38 25.91 -21.43
CA LEU A 204 25.57 25.55 -20.28
C LEU A 204 25.76 24.09 -19.89
N PHE A 205 26.06 23.22 -20.86
CA PHE A 205 26.30 21.81 -20.55
C PHE A 205 27.53 21.64 -19.68
N VAL A 206 28.61 22.35 -20.01
CA VAL A 206 29.85 22.23 -19.23
C VAL A 206 29.67 22.83 -17.85
N PHE A 207 28.96 23.96 -17.76
CA PHE A 207 28.79 24.63 -16.47
C PHE A 207 27.99 23.77 -15.49
N PHE A 208 26.94 23.11 -15.97
CA PHE A 208 26.10 22.31 -15.09
C PHE A 208 26.85 21.13 -14.51
N TYR A 209 27.62 20.42 -15.35
CA TYR A 209 28.28 19.20 -14.90
C TYR A 209 29.58 19.47 -14.15
N CYS A 210 30.07 20.71 -14.16
CA CYS A 210 31.20 21.07 -13.32
C CYS A 210 30.78 21.44 -11.91
N ASP A 211 29.48 21.50 -11.64
CA ASP A 211 28.96 21.78 -10.30
C ASP A 211 28.51 20.53 -9.57
N MET A 212 27.94 19.55 -10.28
CA MET A 212 27.64 18.27 -9.67
C MET A 212 28.92 17.53 -9.29
N LEU A 213 29.98 17.69 -10.09
CA LEU A 213 31.28 17.11 -9.75
C LEU A 213 31.85 17.72 -8.48
N LYS A 214 31.57 19.01 -8.24
CA LYS A 214 32.07 19.67 -7.04
C LYS A 214 31.31 19.22 -5.80
N ILE A 215 29.99 18.99 -5.93
CA ILE A 215 29.19 18.59 -4.78
C ILE A 215 29.53 17.17 -4.36
N ALA A 216 29.66 16.25 -5.32
CA ALA A 216 29.96 14.86 -5.00
C ALA A 216 31.35 14.68 -4.45
N SER A 217 32.23 15.68 -4.60
CA SER A 217 33.58 15.56 -4.07
C SER A 217 33.63 15.74 -2.56
N MET A 218 32.78 16.62 -2.01
CA MET A 218 32.79 16.87 -0.57
C MET A 218 31.97 15.86 0.21
N HIS A 219 30.97 15.23 -0.41
CA HIS A 219 30.21 14.20 0.27
C HIS A 219 31.05 12.96 0.52
N SER A 220 31.96 12.64 -0.40
CA SER A 220 32.84 11.50 -0.22
C SER A 220 34.05 11.80 0.65
N GLN A 221 34.32 13.08 0.93
CA GLN A 221 35.38 13.42 1.88
C GLN A 221 35.01 13.00 3.29
N GLN A 222 33.74 13.19 3.67
CA GLN A 222 33.32 12.87 5.02
C GLN A 222 33.12 11.37 5.21
N ILE A 223 32.75 10.65 4.15
CA ILE A 223 32.50 9.22 4.27
C ILE A 223 33.79 8.47 4.57
N ARG A 224 34.87 8.80 3.86
CA ARG A 224 36.14 8.17 4.17
C ARG A 224 36.68 8.56 5.54
N LYS A 225 36.21 9.67 6.10
CA LYS A 225 36.66 10.08 7.43
C LYS A 225 35.95 9.31 8.53
N MET A 226 34.70 8.91 8.32
CA MET A 226 33.99 8.11 9.32
C MET A 226 34.58 6.71 9.43
N GLU A 227 35.00 6.13 8.31
CA GLU A 227 35.51 4.76 8.31
C GLU A 227 36.82 4.64 9.09
N HIS A 228 37.58 5.73 9.18
CA HIS A 228 38.86 5.67 9.88
C HIS A 228 38.67 5.61 11.39
N ALA A 229 37.72 6.39 11.93
CA ALA A 229 37.47 6.37 13.36
C ALA A 229 36.72 5.12 13.78
N GLY A 230 35.96 4.50 12.87
CA GLY A 230 35.23 3.30 13.19
C GLY A 230 36.06 2.03 13.22
N ALA A 231 37.33 2.11 12.83
CA ALA A 231 38.25 0.98 12.87
C ALA A 231 39.47 1.40 13.68
N MET A 232 39.74 0.66 14.76
CA MET A 232 40.85 0.99 15.65
C MET A 232 41.31 -0.24 16.41
N PHE A 245 38.71 8.18 -10.50
CA PHE A 245 37.54 7.99 -9.63
C PHE A 245 36.30 7.83 -10.51
N LYS A 246 35.18 7.43 -9.90
CA LYS A 246 33.96 7.21 -10.66
C LYS A 246 33.49 8.48 -11.36
N ALA A 247 33.65 9.63 -10.71
CA ALA A 247 33.13 10.87 -11.27
C ALA A 247 33.83 11.26 -12.55
N LEU A 248 35.17 11.16 -12.58
CA LEU A 248 35.92 11.64 -13.75
C LEU A 248 35.67 10.75 -14.97
N ARG A 249 35.65 9.44 -14.77
CA ARG A 249 35.44 8.54 -15.89
C ARG A 249 34.04 8.66 -16.46
N THR A 250 33.04 8.87 -15.60
CA THR A 250 31.67 8.99 -16.07
C THR A 250 31.42 10.33 -16.75
N VAL A 251 31.97 11.41 -16.20
CA VAL A 251 31.72 12.74 -16.75
C VAL A 251 32.38 12.90 -18.11
N SER A 252 33.56 12.31 -18.29
CA SER A 252 34.29 12.45 -19.54
C SER A 252 33.48 11.93 -20.72
N VAL A 253 32.74 10.84 -20.51
CA VAL A 253 31.92 10.28 -21.59
C VAL A 253 30.78 11.23 -21.96
N LEU A 254 30.16 11.86 -20.96
CA LEU A 254 29.05 12.77 -21.23
C LEU A 254 29.51 14.01 -21.97
N ILE A 255 30.61 14.62 -21.54
CA ILE A 255 31.09 15.83 -22.19
C ILE A 255 31.65 15.51 -23.58
N GLY A 256 32.41 14.43 -23.70
CA GLY A 256 33.03 14.11 -24.97
C GLY A 256 32.04 13.74 -26.05
N SER A 257 31.03 12.93 -25.71
CA SER A 257 30.07 12.47 -26.72
C SER A 257 29.21 13.61 -27.24
N PHE A 258 28.80 14.53 -26.35
CA PHE A 258 27.89 15.59 -26.74
C PHE A 258 28.54 16.58 -27.71
N ALA A 259 29.81 16.92 -27.48
CA ALA A 259 30.45 18.02 -28.20
C ALA A 259 31.26 17.58 -29.41
N LEU A 260 31.73 16.34 -29.46
CA LEU A 260 32.65 15.94 -30.52
C LEU A 260 31.96 15.44 -31.78
N SER A 261 30.62 15.52 -31.84
CA SER A 261 29.90 15.02 -33.00
C SER A 261 29.56 16.11 -34.01
N TRP A 262 28.85 17.16 -33.56
CA TRP A 262 28.40 18.22 -34.44
C TRP A 262 29.39 19.38 -34.56
N THR A 263 30.44 19.41 -33.73
CA THR A 263 31.40 20.50 -33.80
C THR A 263 32.17 20.55 -35.11
N PRO A 264 32.74 19.45 -35.64
CA PRO A 264 33.49 19.57 -36.90
C PRO A 264 32.65 20.05 -38.07
N PHE A 265 31.36 19.72 -38.10
CA PHE A 265 30.50 20.19 -39.18
C PHE A 265 30.38 21.71 -39.17
N LEU A 266 30.19 22.29 -38.00
CA LEU A 266 30.06 23.74 -37.90
C LEU A 266 31.39 24.47 -38.05
N ILE A 267 32.51 23.80 -37.79
CA ILE A 267 33.82 24.44 -37.89
C ILE A 267 34.13 24.78 -39.35
N THR A 268 33.91 23.82 -40.25
CA THR A 268 34.23 24.04 -41.66
C THR A 268 33.20 24.92 -42.35
N GLY A 269 31.95 24.91 -41.90
CA GLY A 269 30.93 25.73 -42.53
C GLY A 269 31.18 27.21 -42.36
N ILE A 270 31.65 27.62 -41.18
CA ILE A 270 31.93 29.03 -40.93
C ILE A 270 33.10 29.51 -41.78
N VAL A 271 34.12 28.67 -41.96
CA VAL A 271 35.27 29.02 -42.78
C VAL A 271 34.87 29.23 -44.23
N GLN A 272 33.76 28.61 -44.66
CA GLN A 272 33.33 28.72 -46.04
C GLN A 272 33.03 30.17 -46.41
N VAL A 273 32.39 30.92 -45.51
CA VAL A 273 32.05 32.31 -45.82
C VAL A 273 33.30 33.15 -46.03
N ALA A 274 34.33 32.92 -45.21
CA ALA A 274 35.56 33.71 -45.32
C ALA A 274 36.24 33.48 -46.66
N CYS A 275 36.31 32.22 -47.12
CA CYS A 275 36.97 31.92 -48.38
C CYS A 275 36.28 32.59 -49.56
N GLN A 276 34.96 32.35 -49.68
CA GLN A 276 34.14 32.59 -50.86
C GLN A 276 34.50 31.59 -51.95
N GLU A 277 35.61 30.88 -51.77
CA GLU A 277 35.93 29.64 -52.48
C GLU A 277 37.12 28.95 -51.83
N CYS A 278 36.93 27.73 -51.34
CA CYS A 278 38.03 26.84 -50.94
C CYS A 278 37.72 25.39 -51.29
N HIS A 279 37.01 25.16 -52.40
CA HIS A 279 36.63 23.83 -52.88
C HIS A 279 36.04 22.96 -51.77
N LEU A 280 35.18 23.57 -50.95
CA LEU A 280 34.46 22.85 -49.90
C LEU A 280 33.16 22.29 -50.48
N TYR A 281 32.24 21.88 -49.61
CA TYR A 281 31.00 21.18 -49.99
C TYR A 281 31.28 20.07 -50.99
N LEU A 282 32.30 19.29 -50.68
CA LEU A 282 32.77 18.17 -51.50
C LEU A 282 33.13 17.03 -50.55
N VAL A 283 33.91 16.07 -51.04
CA VAL A 283 34.28 14.88 -50.27
C VAL A 283 34.71 15.22 -48.84
N LEU A 284 35.22 16.44 -48.62
CA LEU A 284 35.51 16.87 -47.27
C LEU A 284 34.23 16.95 -46.43
N GLU A 285 33.14 17.41 -47.04
CA GLU A 285 31.86 17.55 -46.35
C GLU A 285 30.95 16.35 -46.52
N ARG A 286 31.34 15.35 -47.30
CA ARG A 286 30.55 14.15 -47.50
C ARG A 286 30.92 13.02 -46.53
N TYR A 287 31.94 13.23 -45.70
CA TYR A 287 32.31 12.27 -44.67
C TYR A 287 32.18 12.84 -43.26
N LEU A 288 32.26 14.16 -43.09
CA LEU A 288 32.07 14.76 -41.78
C LEU A 288 30.62 14.69 -41.31
N TRP A 289 29.67 14.60 -42.25
CA TRP A 289 28.26 14.48 -41.87
C TRP A 289 27.97 13.14 -41.22
N LEU A 290 28.77 12.12 -41.51
CA LEU A 290 28.55 10.80 -40.92
C LEU A 290 28.67 10.83 -39.41
N LEU A 291 29.47 11.76 -38.87
CA LEU A 291 29.61 11.88 -37.42
C LEU A 291 28.31 12.32 -36.76
N GLY A 292 27.60 13.27 -37.39
CA GLY A 292 26.42 13.83 -36.75
C GLY A 292 25.33 12.81 -36.49
N VAL A 293 25.08 11.92 -37.46
CA VAL A 293 24.08 10.87 -37.28
C VAL A 293 24.61 9.70 -36.46
N GLY A 294 25.86 9.76 -35.99
CA GLY A 294 26.42 8.71 -35.17
C GLY A 294 26.00 8.74 -33.71
N ASN A 295 25.42 9.84 -33.25
CA ASN A 295 24.93 9.89 -31.87
C ASN A 295 23.76 8.94 -31.65
N SER A 296 22.93 8.73 -32.68
CA SER A 296 21.73 7.91 -32.53
C SER A 296 22.06 6.46 -32.17
N LEU A 297 23.27 6.01 -32.47
CA LEU A 297 23.73 4.69 -32.09
C LEU A 297 24.49 4.70 -30.78
N LEU A 298 24.66 5.86 -30.16
CA LEU A 298 25.35 5.96 -28.89
C LEU A 298 24.46 6.41 -27.73
N ASN A 299 23.38 7.16 -28.01
CA ASN A 299 22.49 7.58 -26.93
C ASN A 299 21.82 6.43 -26.20
N PRO A 300 21.38 5.35 -26.86
CA PRO A 300 20.77 4.18 -26.19
C PRO A 300 21.76 3.33 -25.40
N LEU A 301 22.99 3.80 -25.26
CA LEU A 301 23.97 3.08 -24.45
C LEU A 301 24.33 3.81 -23.16
N ILE A 302 24.11 5.13 -23.11
CA ILE A 302 24.48 5.95 -21.97
C ILE A 302 23.27 6.23 -21.08
N TYR A 303 22.15 6.62 -21.68
CA TYR A 303 20.96 6.94 -20.92
C TYR A 303 19.98 5.77 -20.81
N ALA A 304 20.26 4.66 -21.46
CA ALA A 304 19.33 3.52 -21.44
C ALA A 304 19.97 2.24 -20.94
N TYR A 305 21.19 1.93 -21.35
CA TYR A 305 21.81 0.68 -20.88
C TYR A 305 22.31 0.81 -19.44
N TRP A 306 22.49 2.03 -18.95
CA TRP A 306 22.65 2.27 -17.53
C TRP A 306 21.25 2.24 -16.90
N GLN A 307 21.12 2.72 -15.66
CA GLN A 307 19.84 2.66 -14.94
C GLN A 307 19.38 1.21 -14.80
N LYS A 308 20.14 0.48 -13.98
CA LYS A 308 20.02 -0.97 -13.80
C LYS A 308 18.59 -1.49 -13.83
N GLU A 309 17.65 -0.72 -13.28
CA GLU A 309 16.24 -1.09 -13.34
C GLU A 309 15.79 -1.31 -14.78
N VAL A 310 16.25 -0.46 -15.70
CA VAL A 310 15.93 -0.66 -17.11
C VAL A 310 16.66 -1.87 -17.67
N ARG A 311 17.93 -2.05 -17.30
CA ARG A 311 18.72 -3.15 -17.83
C ARG A 311 18.20 -4.51 -17.38
N LEU A 312 17.53 -4.56 -16.21
CA LEU A 312 17.02 -5.83 -15.71
C LEU A 312 15.94 -6.41 -16.62
N GLN A 313 15.03 -5.56 -17.12
CA GLN A 313 13.95 -6.05 -17.96
C GLN A 313 14.46 -6.54 -19.32
N LEU A 314 15.48 -5.87 -19.87
CA LEU A 314 15.99 -6.27 -21.18
C LEU A 314 16.52 -7.70 -21.16
N TYR A 315 17.23 -8.08 -20.10
CA TYR A 315 17.74 -9.44 -19.99
C TYR A 315 16.59 -10.44 -19.81
N HIS A 316 15.61 -10.11 -18.97
CA HIS A 316 14.53 -11.05 -18.68
C HIS A 316 13.67 -11.31 -19.92
N MET A 317 13.37 -10.27 -20.69
CA MET A 317 12.54 -10.42 -21.88
C MET A 317 13.38 -10.90 -23.07
N ASP B 16 7.02 -25.74 44.52
CA ASP B 16 7.02 -27.00 45.27
C ASP B 16 6.30 -28.10 44.49
N GLN B 17 5.28 -28.71 45.11
CA GLN B 17 4.54 -29.79 44.48
C GLN B 17 3.67 -29.33 43.33
N LEU B 18 3.47 -28.02 43.15
CA LEU B 18 2.65 -27.53 42.04
C LEU B 18 3.38 -27.65 40.71
N ARG B 19 4.70 -27.85 40.73
CA ARG B 19 5.45 -28.05 39.49
C ARG B 19 5.60 -29.52 39.12
N GLN B 20 5.73 -30.40 40.11
CA GLN B 20 5.83 -31.82 39.83
C GLN B 20 4.47 -32.41 39.44
N GLU B 21 3.39 -31.90 40.06
CA GLU B 21 2.06 -32.42 39.75
C GLU B 21 1.68 -32.15 38.30
N ALA B 22 2.00 -30.96 37.79
CA ALA B 22 1.69 -30.64 36.40
C ALA B 22 2.51 -31.48 35.43
N GLU B 23 3.69 -31.95 35.84
CA GLU B 23 4.50 -32.79 34.97
C GLU B 23 3.83 -34.13 34.71
N GLN B 24 3.23 -34.73 35.75
CA GLN B 24 2.58 -36.02 35.58
C GLN B 24 1.34 -35.91 34.69
N LEU B 25 0.61 -34.79 34.80
CA LEU B 25 -0.59 -34.61 33.98
C LEU B 25 -0.24 -34.54 32.50
N LYS B 26 0.87 -33.88 32.16
CA LYS B 26 1.28 -33.79 30.77
C LYS B 26 1.65 -35.17 30.22
N ASN B 27 2.20 -36.04 31.06
CA ASN B 27 2.57 -37.38 30.61
C ASN B 27 1.34 -38.19 30.23
N GLN B 28 0.27 -38.09 31.01
CA GLN B 28 -0.94 -38.86 30.73
C GLN B 28 -1.58 -38.45 29.42
N ILE B 29 -1.62 -37.14 29.13
CA ILE B 29 -2.22 -36.67 27.89
C ILE B 29 -1.43 -37.17 26.69
N ARG B 30 -0.09 -37.11 26.76
CA ARG B 30 0.73 -37.58 25.66
C ARG B 30 0.60 -39.08 25.46
N ASP B 31 0.48 -39.84 26.56
CA ASP B 31 0.37 -41.29 26.45
C ASP B 31 -0.92 -41.72 25.76
N ALA B 32 -2.03 -41.06 26.09
CA ALA B 32 -3.32 -41.45 25.50
C ALA B 32 -3.38 -41.14 24.01
N ARG B 33 -2.63 -40.13 23.56
CA ARG B 33 -2.66 -39.78 22.14
C ARG B 33 -2.04 -40.86 21.28
N LYS B 34 -1.00 -41.53 21.79
CA LYS B 34 -0.34 -42.58 21.02
C LYS B 34 -1.22 -43.79 20.80
N ALA B 35 -2.23 -44.00 21.64
CA ALA B 35 -3.13 -45.14 21.47
C ALA B 35 -3.94 -45.01 20.20
N CYS B 36 -4.40 -43.81 19.87
CA CYS B 36 -5.24 -43.56 18.71
C CYS B 36 -4.44 -43.23 17.46
N ALA B 37 -3.14 -43.55 17.43
CA ALA B 37 -2.25 -43.24 16.31
C ALA B 37 -1.95 -44.46 15.46
N ASP B 38 -2.95 -45.31 15.21
CA ASP B 38 -2.72 -46.55 14.49
C ASP B 38 -2.18 -46.30 13.08
N ALA B 39 -2.96 -45.61 12.25
CA ALA B 39 -2.60 -45.36 10.86
C ALA B 39 -2.34 -43.87 10.64
N THR B 40 -2.03 -43.53 9.39
CA THR B 40 -1.72 -42.16 9.01
C THR B 40 -2.51 -41.79 7.76
N LEU B 41 -2.70 -40.48 7.58
CA LEU B 41 -3.45 -39.99 6.42
C LEU B 41 -2.69 -40.23 5.12
N SER B 42 -1.36 -40.29 5.17
CA SER B 42 -0.58 -40.42 3.95
C SER B 42 -0.75 -41.77 3.29
N GLN B 43 -0.95 -42.83 4.06
CA GLN B 43 -1.02 -44.19 3.53
C GLN B 43 -2.46 -44.64 3.25
N ILE B 44 -3.43 -43.74 3.39
CA ILE B 44 -4.83 -44.07 3.08
C ILE B 44 -5.25 -43.48 1.74
N THR B 45 -4.77 -42.28 1.41
CA THR B 45 -5.13 -41.61 0.16
C THR B 45 -4.17 -41.93 -0.98
N ASN B 46 -3.56 -43.11 -0.96
CA ASN B 46 -2.54 -43.47 -1.94
C ASN B 46 -3.11 -43.93 -3.28
N ASN B 47 -4.43 -44.07 -3.39
CA ASN B 47 -5.05 -44.55 -4.61
C ASN B 47 -5.76 -43.46 -5.40
N ILE B 48 -5.73 -42.22 -4.93
CA ILE B 48 -6.40 -41.12 -5.60
C ILE B 48 -5.51 -40.59 -6.73
N ASP B 49 -6.12 -40.27 -7.85
CA ASP B 49 -5.39 -39.64 -8.94
C ASP B 49 -4.97 -38.23 -8.56
N PRO B 50 -3.80 -37.78 -9.00
CA PRO B 50 -3.34 -36.43 -8.64
C PRO B 50 -4.08 -35.36 -9.44
N VAL B 51 -3.95 -34.12 -8.95
CA VAL B 51 -4.64 -33.00 -9.58
C VAL B 51 -4.05 -32.67 -10.94
N GLY B 52 -2.73 -32.69 -11.05
CA GLY B 52 -2.07 -32.32 -12.29
C GLY B 52 -1.29 -31.02 -12.19
N ARG B 53 -1.66 -30.04 -13.02
CA ARG B 53 -0.98 -28.76 -13.04
C ARG B 53 -2.04 -27.67 -13.16
N ILE B 54 -1.96 -26.65 -12.30
CA ILE B 54 -2.95 -25.59 -12.24
C ILE B 54 -2.32 -24.31 -12.73
N GLN B 55 -2.93 -23.69 -13.73
CA GLN B 55 -2.42 -22.46 -14.33
C GLN B 55 -3.48 -21.37 -14.20
N MET B 56 -3.08 -20.23 -13.64
CA MET B 56 -3.96 -19.06 -13.50
C MET B 56 -3.22 -17.82 -13.97
N ARG B 57 -3.98 -16.87 -14.50
CA ARG B 57 -3.42 -15.63 -15.01
C ARG B 57 -4.26 -14.45 -14.55
N THR B 58 -3.62 -13.28 -14.47
CA THR B 58 -4.27 -12.08 -13.96
C THR B 58 -5.36 -11.60 -14.91
N ARG B 59 -6.45 -11.10 -14.35
CA ARG B 59 -7.55 -10.54 -15.11
C ARG B 59 -7.77 -9.05 -14.88
N ARG B 60 -7.54 -8.57 -13.66
CA ARG B 60 -7.76 -7.16 -13.33
C ARG B 60 -6.60 -6.65 -12.49
N THR B 61 -6.43 -5.33 -12.50
CA THR B 61 -5.46 -4.66 -11.65
C THR B 61 -6.06 -3.34 -11.17
N LEU B 62 -6.21 -3.20 -9.86
CA LEU B 62 -6.81 -2.02 -9.26
C LEU B 62 -5.72 -1.15 -8.67
N ARG B 63 -5.66 0.12 -9.11
CA ARG B 63 -4.64 1.05 -8.67
C ARG B 63 -5.30 2.37 -8.27
N GLY B 64 -4.63 3.10 -7.38
CA GLY B 64 -5.18 4.33 -6.86
C GLY B 64 -4.84 4.60 -5.41
N HIS B 65 -4.24 3.61 -4.74
CA HIS B 65 -3.77 3.81 -3.38
C HIS B 65 -2.40 4.49 -3.38
N LEU B 66 -2.10 5.16 -2.27
CA LEU B 66 -0.86 5.94 -2.16
C LEU B 66 0.25 5.22 -1.42
N ALA B 67 -0.05 4.21 -0.61
CA ALA B 67 0.95 3.50 0.16
C ALA B 67 0.59 2.01 0.18
N LYS B 68 1.31 1.25 0.99
CA LYS B 68 1.18 -0.20 1.02
C LYS B 68 -0.15 -0.62 1.63
N ILE B 69 -0.56 -1.85 1.32
CA ILE B 69 -1.87 -2.38 1.69
C ILE B 69 -1.69 -3.48 2.73
N TYR B 70 -2.50 -3.43 3.79
CA TYR B 70 -2.47 -4.44 4.85
C TYR B 70 -3.64 -5.42 4.80
N ALA B 71 -4.86 -4.95 4.58
CA ALA B 71 -6.02 -5.80 4.75
C ALA B 71 -6.99 -5.62 3.58
N MET B 72 -7.80 -6.65 3.37
CA MET B 72 -8.91 -6.62 2.43
C MET B 72 -9.95 -7.62 2.87
N HIS B 73 -11.17 -7.46 2.37
CA HIS B 73 -12.27 -8.35 2.75
C HIS B 73 -13.33 -8.33 1.66
N TRP B 74 -13.83 -9.51 1.32
CA TRP B 74 -14.85 -9.66 0.30
C TRP B 74 -16.25 -9.39 0.87
N GLY B 75 -17.16 -8.97 -0.03
CA GLY B 75 -18.55 -8.85 0.33
C GLY B 75 -19.30 -10.17 0.15
N THR B 76 -20.48 -10.24 0.77
CA THR B 76 -21.26 -11.47 0.73
C THR B 76 -21.78 -11.74 -0.68
N ASP B 77 -22.10 -10.68 -1.43
CA ASP B 77 -22.62 -10.84 -2.78
C ASP B 77 -21.52 -11.12 -3.82
N SER B 78 -20.26 -11.08 -3.41
CA SER B 78 -19.11 -11.46 -4.24
C SER B 78 -18.91 -10.52 -5.43
N ARG B 79 -19.20 -9.23 -5.25
CA ARG B 79 -18.92 -8.26 -6.30
C ARG B 79 -18.15 -7.06 -5.75
N LEU B 80 -18.39 -6.72 -4.48
CA LEU B 80 -17.77 -5.56 -3.85
C LEU B 80 -16.79 -5.99 -2.78
N LEU B 81 -15.68 -5.26 -2.67
CA LEU B 81 -14.67 -5.52 -1.66
C LEU B 81 -14.12 -4.20 -1.13
N VAL B 82 -13.53 -4.25 0.05
CA VAL B 82 -12.99 -3.08 0.73
C VAL B 82 -11.52 -3.36 1.07
N SER B 83 -10.70 -2.32 0.97
CA SER B 83 -9.27 -2.43 1.24
C SER B 83 -8.82 -1.26 2.09
N ALA B 84 -7.71 -1.45 2.81
CA ALA B 84 -7.16 -0.45 3.70
C ALA B 84 -5.71 -0.16 3.33
N SER B 85 -5.30 1.08 3.57
CA SER B 85 -3.94 1.52 3.30
C SER B 85 -3.50 2.45 4.42
N GLN B 86 -2.19 2.57 4.57
CA GLN B 86 -1.62 3.39 5.65
C GLN B 86 -1.39 4.84 5.22
N ASP B 87 -1.89 5.24 4.04
CA ASP B 87 -1.99 6.65 3.72
C ASP B 87 -3.15 7.32 4.44
N GLY B 88 -4.12 6.55 4.92
CA GLY B 88 -5.26 7.08 5.65
C GLY B 88 -6.55 7.06 4.87
N LYS B 89 -6.74 6.05 4.03
CA LYS B 89 -7.92 5.96 3.17
C LYS B 89 -8.59 4.60 3.35
N LEU B 90 -9.79 4.50 2.78
CA LEU B 90 -10.59 3.28 2.84
C LEU B 90 -11.50 3.30 1.61
N ILE B 91 -11.14 2.53 0.59
CA ILE B 91 -11.79 2.58 -0.72
C ILE B 91 -12.63 1.34 -0.91
N ILE B 92 -13.81 1.51 -1.50
CA ILE B 92 -14.71 0.42 -1.85
C ILE B 92 -14.73 0.32 -3.38
N TRP B 93 -14.37 -0.85 -3.90
CA TRP B 93 -14.24 -1.06 -5.34
C TRP B 93 -15.42 -1.83 -5.89
N ASP B 94 -15.60 -1.74 -7.20
CA ASP B 94 -16.51 -2.58 -7.96
C ASP B 94 -15.65 -3.45 -8.87
N SER B 95 -15.65 -4.76 -8.61
CA SER B 95 -14.67 -5.63 -9.25
C SER B 95 -14.99 -5.88 -10.73
N TYR B 96 -16.27 -5.87 -11.10
CA TYR B 96 -16.64 -6.17 -12.47
C TYR B 96 -16.22 -5.08 -13.43
N THR B 97 -16.30 -3.81 -13.01
CA THR B 97 -16.03 -2.68 -13.88
C THR B 97 -14.90 -1.79 -13.40
N THR B 98 -14.26 -2.09 -12.28
CA THR B 98 -13.15 -1.31 -11.72
C THR B 98 -13.56 0.14 -11.48
N ASN B 99 -14.77 0.34 -10.98
CA ASN B 99 -15.27 1.66 -10.61
C ASN B 99 -15.13 1.87 -9.10
N LYS B 100 -14.91 3.12 -8.71
CA LYS B 100 -14.81 3.50 -7.31
C LYS B 100 -16.16 3.98 -6.82
N VAL B 101 -16.65 3.39 -5.72
CA VAL B 101 -17.94 3.73 -5.16
C VAL B 101 -17.84 4.72 -4.00
N HIS B 102 -16.89 4.49 -3.09
CA HIS B 102 -16.74 5.32 -1.90
C HIS B 102 -15.27 5.58 -1.62
N ALA B 103 -15.02 6.59 -0.80
CA ALA B 103 -13.69 6.90 -0.31
C ALA B 103 -13.83 7.58 1.05
N ILE B 104 -13.27 6.96 2.08
CA ILE B 104 -13.49 7.38 3.46
C ILE B 104 -12.14 7.76 4.08
N PRO B 105 -11.97 8.99 4.57
CA PRO B 105 -10.73 9.35 5.26
C PRO B 105 -10.80 9.03 6.75
N LEU B 106 -9.67 8.60 7.29
CA LEU B 106 -9.57 8.18 8.68
C LEU B 106 -8.81 9.22 9.49
N ARG B 107 -9.05 9.21 10.81
CA ARG B 107 -8.39 10.16 11.70
C ARG B 107 -6.93 9.77 11.94
N SER B 108 -6.66 8.47 12.08
CA SER B 108 -5.32 7.97 12.35
C SER B 108 -4.78 7.24 11.13
N SER B 109 -3.51 7.51 10.80
CA SER B 109 -2.92 6.95 9.59
C SER B 109 -2.56 5.47 9.74
N TRP B 110 -2.25 5.03 10.95
CA TRP B 110 -1.74 3.67 11.17
C TRP B 110 -2.92 2.74 11.41
N VAL B 111 -3.30 2.00 10.37
CA VAL B 111 -4.43 1.08 10.42
C VAL B 111 -3.96 -0.30 9.96
N MET B 112 -4.43 -1.34 10.66
CA MET B 112 -3.95 -2.68 10.40
C MET B 112 -5.03 -3.72 10.10
N THR B 113 -6.31 -3.35 10.14
CA THR B 113 -7.35 -4.34 9.90
C THR B 113 -8.61 -3.65 9.40
N CYS B 114 -9.48 -4.44 8.77
CA CYS B 114 -10.77 -3.96 8.28
C CYS B 114 -11.71 -5.14 8.15
N ALA B 115 -13.01 -4.85 8.19
CA ALA B 115 -14.03 -5.88 8.10
C ALA B 115 -15.26 -5.32 7.40
N TYR B 116 -16.11 -6.23 6.92
CA TYR B 116 -17.31 -5.87 6.18
C TYR B 116 -18.50 -6.59 6.78
N ALA B 117 -19.58 -5.86 7.06
CA ALA B 117 -20.74 -6.45 7.70
C ALA B 117 -21.43 -7.44 6.76
N PRO B 118 -21.99 -8.53 7.31
CA PRO B 118 -22.69 -9.49 6.45
C PRO B 118 -23.88 -8.91 5.71
N SER B 119 -24.60 -7.97 6.31
CA SER B 119 -25.76 -7.36 5.66
C SER B 119 -25.39 -6.22 4.72
N GLY B 120 -24.17 -5.70 4.80
CA GLY B 120 -23.71 -4.67 3.89
C GLY B 120 -24.03 -3.25 4.30
N ASN B 121 -24.31 -3.00 5.58
CA ASN B 121 -24.63 -1.67 6.05
C ASN B 121 -23.51 -0.99 6.84
N TYR B 122 -22.53 -1.75 7.32
CA TYR B 122 -21.50 -1.20 8.20
C TYR B 122 -20.13 -1.69 7.77
N VAL B 123 -19.11 -0.91 8.14
CA VAL B 123 -17.71 -1.24 7.91
C VAL B 123 -16.93 -0.86 9.17
N ALA B 124 -15.97 -1.69 9.55
CA ALA B 124 -15.17 -1.47 10.74
C ALA B 124 -13.69 -1.48 10.40
N CYS B 125 -12.90 -0.82 11.24
CA CYS B 125 -11.45 -0.73 11.04
C CYS B 125 -10.80 -0.38 12.37
N GLY B 126 -9.50 -0.65 12.45
CA GLY B 126 -8.75 -0.37 13.67
C GLY B 126 -7.27 -0.52 13.43
N GLY B 127 -6.49 -0.12 14.44
CA GLY B 127 -5.04 -0.16 14.31
C GLY B 127 -4.29 0.19 15.57
N LEU B 128 -3.24 1.02 15.43
CA LEU B 128 -2.34 1.35 16.54
C LEU B 128 -2.96 2.33 17.53
N ASP B 129 -4.20 2.76 17.33
CA ASP B 129 -4.88 3.69 18.22
C ASP B 129 -5.78 2.99 19.24
N ASN B 130 -5.77 1.65 19.26
CA ASN B 130 -6.43 0.85 20.29
C ASN B 130 -7.96 0.95 20.20
N ILE B 131 -8.50 1.02 18.98
CA ILE B 131 -9.93 1.21 18.77
C ILE B 131 -10.34 0.56 17.46
N CYS B 132 -11.40 -0.25 17.48
CA CYS B 132 -12.09 -0.72 16.28
C CYS B 132 -13.39 0.06 16.18
N SER B 133 -13.41 1.06 15.29
CA SER B 133 -14.53 1.97 15.13
C SER B 133 -15.43 1.54 13.97
N ILE B 134 -16.65 2.06 13.98
CA ILE B 134 -17.72 1.60 13.10
C ILE B 134 -18.27 2.78 12.31
N TYR B 135 -18.50 2.56 11.01
CA TYR B 135 -19.01 3.57 10.09
C TYR B 135 -20.38 3.16 9.55
N ASN B 136 -21.21 4.15 9.25
CA ASN B 136 -22.54 3.95 8.70
C ASN B 136 -22.57 4.37 7.24
N LEU B 137 -23.11 3.52 6.39
CA LEU B 137 -23.12 3.76 4.95
C LEU B 137 -24.46 4.28 4.42
N LYS B 138 -25.57 3.81 4.97
CA LYS B 138 -26.90 4.18 4.47
C LYS B 138 -27.47 5.35 5.26
N THR B 139 -26.86 6.51 5.06
CA THR B 139 -27.31 7.74 5.69
C THR B 139 -28.35 8.43 4.80
N ARG B 140 -29.21 9.23 5.43
CA ARG B 140 -30.24 9.98 4.71
C ARG B 140 -29.74 11.32 4.19
N GLU B 141 -28.58 11.78 4.65
CA GLU B 141 -28.02 13.05 4.21
C GLU B 141 -27.09 12.91 3.01
N GLY B 142 -26.78 11.69 2.59
CA GLY B 142 -25.98 11.48 1.41
C GLY B 142 -24.48 11.36 1.62
N ASN B 143 -24.02 11.13 2.84
CA ASN B 143 -22.60 10.97 3.11
C ASN B 143 -22.40 9.80 4.06
N VAL B 144 -21.18 9.65 4.55
CA VAL B 144 -20.80 8.57 5.47
C VAL B 144 -20.29 9.20 6.75
N ARG B 145 -20.80 8.74 7.89
CA ARG B 145 -20.45 9.29 9.18
C ARG B 145 -20.12 8.17 10.17
N VAL B 146 -19.35 8.53 11.20
CA VAL B 146 -18.98 7.58 12.24
C VAL B 146 -20.17 7.35 13.17
N SER B 147 -20.31 6.11 13.65
CA SER B 147 -21.44 5.72 14.47
C SER B 147 -21.06 5.45 15.92
N ARG B 148 -19.99 4.70 16.16
CA ARG B 148 -19.63 4.29 17.52
C ARG B 148 -18.11 4.20 17.63
N GLU B 149 -17.65 4.18 18.88
CA GLU B 149 -16.24 3.99 19.20
C GLU B 149 -16.14 3.11 20.43
N LEU B 150 -15.47 1.96 20.28
CA LEU B 150 -15.32 0.99 21.36
C LEU B 150 -13.89 1.06 21.87
N ALA B 151 -13.73 1.32 23.17
CA ALA B 151 -12.41 1.52 23.77
C ALA B 151 -12.35 0.80 25.11
N GLY B 152 -11.77 -0.40 25.11
CA GLY B 152 -11.54 -1.12 26.36
C GLY B 152 -10.24 -1.89 26.39
N HIS B 153 -9.46 -1.80 25.32
CA HIS B 153 -8.23 -2.57 25.18
C HIS B 153 -7.03 -1.76 25.66
N THR B 154 -5.90 -2.46 25.81
CA THR B 154 -4.65 -1.85 26.23
C THR B 154 -3.54 -1.98 25.19
N GLY B 155 -3.65 -2.91 24.25
CA GLY B 155 -2.69 -3.04 23.18
C GLY B 155 -3.38 -2.92 21.83
N TYR B 156 -2.56 -2.84 20.78
CA TYR B 156 -3.08 -2.59 19.45
C TYR B 156 -4.02 -3.71 19.01
N LEU B 157 -4.83 -3.41 18.00
CA LEU B 157 -5.80 -4.36 17.48
C LEU B 157 -5.30 -4.95 16.17
N SER B 158 -5.42 -6.27 16.03
CA SER B 158 -5.00 -6.96 14.82
C SER B 158 -6.14 -7.60 14.05
N CYS B 159 -7.31 -7.77 14.67
CA CYS B 159 -8.46 -8.35 13.97
C CYS B 159 -9.72 -8.07 14.77
N CYS B 160 -10.72 -7.47 14.11
CA CYS B 160 -12.06 -7.34 14.67
C CYS B 160 -13.06 -7.75 13.59
N ARG B 161 -13.83 -8.80 13.87
CA ARG B 161 -14.71 -9.47 12.91
C ARG B 161 -16.16 -9.45 13.37
N PHE B 162 -17.06 -9.18 12.42
CA PHE B 162 -18.49 -9.08 12.73
C PHE B 162 -19.11 -10.44 13.01
N LEU B 163 -20.04 -10.46 13.97
CA LEU B 163 -20.90 -11.61 14.21
C LEU B 163 -22.28 -11.42 13.59
N ASP B 164 -22.95 -10.31 13.92
CA ASP B 164 -24.19 -9.90 13.28
C ASP B 164 -24.23 -8.37 13.31
N ASP B 165 -25.41 -7.80 13.11
CA ASP B 165 -25.54 -6.35 13.04
C ASP B 165 -25.50 -5.67 14.41
N ASN B 166 -25.23 -6.42 15.50
CA ASN B 166 -25.24 -5.81 16.82
C ASN B 166 -24.05 -6.15 17.70
N GLN B 167 -23.24 -7.16 17.39
CA GLN B 167 -22.12 -7.52 18.24
C GLN B 167 -20.92 -7.89 17.39
N ILE B 168 -19.73 -7.65 17.94
CA ILE B 168 -18.47 -7.86 17.25
C ILE B 168 -17.48 -8.55 18.20
N VAL B 169 -16.48 -9.20 17.62
CA VAL B 169 -15.44 -9.89 18.38
C VAL B 169 -14.08 -9.39 17.89
N THR B 170 -13.19 -9.09 18.83
CA THR B 170 -11.90 -8.49 18.53
C THR B 170 -10.78 -9.26 19.21
N SER B 171 -9.59 -9.19 18.61
CA SER B 171 -8.37 -9.70 19.22
C SER B 171 -7.35 -8.57 19.26
N SER B 172 -6.53 -8.56 20.30
CA SER B 172 -5.63 -7.45 20.57
C SER B 172 -4.23 -7.96 20.89
N GLY B 173 -3.30 -7.02 21.06
CA GLY B 173 -1.93 -7.36 21.35
C GLY B 173 -1.58 -7.34 22.82
N ASP B 174 -2.60 -7.38 23.68
CA ASP B 174 -2.42 -7.52 25.12
C ASP B 174 -2.83 -8.89 25.60
N THR B 175 -2.78 -9.89 24.71
CA THR B 175 -3.06 -11.30 25.03
C THR B 175 -4.46 -11.48 25.58
N THR B 176 -5.45 -10.92 24.89
CA THR B 176 -6.84 -10.99 25.34
C THR B 176 -7.77 -10.78 24.16
N CYS B 177 -8.91 -11.47 24.19
CA CYS B 177 -10.01 -11.27 23.25
C CYS B 177 -11.23 -10.78 24.01
N ALA B 178 -12.19 -10.22 23.28
CA ALA B 178 -13.37 -9.64 23.90
C ALA B 178 -14.57 -9.74 22.97
N LEU B 179 -15.76 -9.64 23.55
CA LEU B 179 -17.01 -9.64 22.82
C LEU B 179 -17.81 -8.42 23.25
N TRP B 180 -18.18 -7.58 22.28
CA TRP B 180 -18.76 -6.28 22.54
C TRP B 180 -20.27 -6.28 22.30
N ASP B 181 -20.88 -5.13 22.61
CA ASP B 181 -22.29 -4.87 22.34
C ASP B 181 -22.38 -3.44 21.80
N ILE B 182 -22.71 -3.31 20.52
CA ILE B 182 -22.61 -2.01 19.86
C ILE B 182 -23.68 -1.04 20.37
N GLU B 183 -24.83 -1.57 20.79
CA GLU B 183 -25.93 -0.69 21.20
C GLU B 183 -25.55 0.16 22.41
N THR B 184 -24.87 -0.44 23.39
CA THR B 184 -24.49 0.26 24.60
C THR B 184 -22.99 0.54 24.71
N GLY B 185 -22.16 -0.13 23.91
CA GLY B 185 -20.73 0.12 23.94
C GLY B 185 -19.98 -0.54 25.07
N GLN B 186 -20.58 -1.49 25.77
CA GLN B 186 -19.96 -2.19 26.88
C GLN B 186 -19.71 -3.65 26.51
N GLN B 187 -18.51 -4.14 26.79
CA GLN B 187 -18.18 -5.52 26.47
C GLN B 187 -18.86 -6.47 27.45
N THR B 188 -19.06 -7.71 26.99
CA THR B 188 -19.80 -8.72 27.76
C THR B 188 -18.90 -9.80 28.34
N THR B 189 -18.02 -10.39 27.52
CA THR B 189 -17.22 -11.54 27.94
C THR B 189 -15.76 -11.29 27.59
N THR B 190 -14.87 -11.80 28.43
CA THR B 190 -13.43 -11.67 28.25
C THR B 190 -12.80 -13.06 28.24
N PHE B 191 -11.93 -13.31 27.27
CA PHE B 191 -11.25 -14.59 27.13
C PHE B 191 -9.77 -14.40 27.44
N THR B 192 -9.27 -15.16 28.41
CA THR B 192 -7.88 -15.07 28.85
C THR B 192 -7.25 -16.45 28.85
N GLY B 193 -5.92 -16.48 28.78
CA GLY B 193 -5.20 -17.73 28.82
C GLY B 193 -3.95 -17.81 27.96
N HIS B 194 -3.82 -16.92 26.98
CA HIS B 194 -2.67 -16.94 26.10
C HIS B 194 -1.45 -16.35 26.81
N THR B 195 -0.31 -16.34 26.11
CA THR B 195 0.95 -15.86 26.65
C THR B 195 1.54 -14.71 25.86
N GLY B 196 1.44 -14.75 24.52
CA GLY B 196 1.91 -13.68 23.68
C GLY B 196 0.79 -13.01 22.91
N ASP B 197 1.19 -12.10 22.03
CA ASP B 197 0.21 -11.36 21.24
C ASP B 197 -0.62 -12.29 20.38
N VAL B 198 -1.92 -12.02 20.31
CA VAL B 198 -2.84 -12.79 19.48
C VAL B 198 -2.85 -12.15 18.09
N MET B 199 -2.57 -12.95 17.06
CA MET B 199 -2.34 -12.42 15.73
C MET B 199 -3.52 -12.60 14.78
N SER B 200 -4.38 -13.60 15.00
CA SER B 200 -5.47 -13.84 14.07
C SER B 200 -6.56 -14.64 14.77
N LEU B 201 -7.74 -14.65 14.15
CA LEU B 201 -8.86 -15.44 14.61
C LEU B 201 -9.69 -15.86 13.41
N SER B 202 -10.52 -16.89 13.62
CA SER B 202 -11.37 -17.40 12.55
C SER B 202 -12.64 -17.98 13.16
N LEU B 203 -13.79 -17.63 12.58
CA LEU B 203 -15.08 -18.05 13.07
C LEU B 203 -15.51 -19.35 12.39
N ALA B 204 -16.14 -20.23 13.17
CA ALA B 204 -16.67 -21.47 12.61
C ALA B 204 -17.88 -21.17 11.74
N PRO B 205 -18.17 -22.04 10.77
CA PRO B 205 -19.37 -21.83 9.93
C PRO B 205 -20.67 -21.78 10.73
N ASP B 206 -20.78 -22.54 11.81
CA ASP B 206 -21.99 -22.53 12.63
C ASP B 206 -22.07 -21.33 13.57
N THR B 207 -21.01 -20.55 13.68
CA THR B 207 -20.98 -19.33 14.50
C THR B 207 -21.28 -19.65 15.97
N ARG B 208 -20.56 -20.64 16.50
CA ARG B 208 -20.61 -20.94 17.91
C ARG B 208 -19.25 -21.24 18.51
N LEU B 209 -18.18 -21.25 17.72
CA LEU B 209 -16.83 -21.50 18.19
C LEU B 209 -15.87 -20.69 17.33
N PHE B 210 -14.67 -20.47 17.85
CA PHE B 210 -13.63 -19.80 17.07
C PHE B 210 -12.27 -20.16 17.65
N VAL B 211 -11.24 -20.00 16.83
CA VAL B 211 -9.87 -20.34 17.20
C VAL B 211 -8.98 -19.12 17.02
N SER B 212 -7.87 -19.10 17.75
CA SER B 212 -6.92 -18.01 17.68
C SER B 212 -5.50 -18.57 17.73
N GLY B 213 -4.57 -17.84 17.13
CA GLY B 213 -3.17 -18.21 17.16
C GLY B 213 -2.29 -17.08 17.68
N ALA B 214 -1.48 -17.37 18.68
CA ALA B 214 -0.69 -16.36 19.37
C ALA B 214 0.80 -16.53 19.05
N CYS B 215 1.62 -15.74 19.71
CA CYS B 215 3.06 -15.73 19.49
C CYS B 215 3.82 -16.65 20.44
N ASP B 216 3.12 -17.52 21.17
CA ASP B 216 3.74 -18.52 22.01
C ASP B 216 3.71 -19.91 21.39
N ALA B 217 3.40 -19.99 20.08
CA ALA B 217 3.39 -21.25 19.33
C ALA B 217 2.36 -22.21 19.89
N SER B 218 1.11 -21.75 19.95
CA SER B 218 0.00 -22.60 20.36
C SER B 218 -1.30 -22.02 19.84
N ALA B 219 -2.33 -22.85 19.79
CA ALA B 219 -3.67 -22.46 19.36
C ALA B 219 -4.68 -23.00 20.34
N LYS B 220 -5.80 -22.29 20.48
CA LYS B 220 -6.83 -22.62 21.46
C LYS B 220 -8.21 -22.56 20.82
N LEU B 221 -9.13 -23.32 21.40
CA LEU B 221 -10.52 -23.39 20.95
C LEU B 221 -11.43 -22.86 22.05
N TRP B 222 -12.25 -21.87 21.72
CA TRP B 222 -13.16 -21.25 22.66
C TRP B 222 -14.61 -21.50 22.25
N ASP B 223 -15.51 -21.31 23.21
CA ASP B 223 -16.95 -21.32 22.95
C ASP B 223 -17.56 -19.99 23.37
N VAL B 224 -18.54 -19.52 22.61
CA VAL B 224 -19.05 -18.16 22.80
C VAL B 224 -20.05 -18.11 23.95
N ARG B 225 -20.94 -19.10 24.05
CA ARG B 225 -22.00 -19.04 25.05
C ARG B 225 -21.45 -19.10 26.47
N GLU B 226 -20.44 -19.93 26.71
CA GLU B 226 -19.92 -20.11 28.06
C GLU B 226 -18.75 -19.16 28.35
N GLY B 227 -17.69 -19.24 27.56
CA GLY B 227 -16.52 -18.42 27.78
C GLY B 227 -15.38 -19.15 28.46
N MET B 228 -15.13 -20.39 28.03
CA MET B 228 -14.09 -21.22 28.60
C MET B 228 -13.29 -21.89 27.50
N CYS B 229 -12.05 -22.27 27.81
CA CYS B 229 -11.21 -22.97 26.87
C CYS B 229 -11.52 -24.46 26.86
N ARG B 230 -11.37 -25.07 25.68
CA ARG B 230 -11.71 -26.47 25.49
C ARG B 230 -10.50 -27.34 25.22
N GLN B 231 -9.70 -27.01 24.20
CA GLN B 231 -8.55 -27.82 23.82
C GLN B 231 -7.38 -26.91 23.49
N THR B 232 -6.18 -27.49 23.56
CA THR B 232 -4.94 -26.81 23.24
C THR B 232 -4.14 -27.65 22.27
N PHE B 233 -3.66 -27.02 21.20
CA PHE B 233 -2.90 -27.71 20.15
C PHE B 233 -1.52 -27.09 20.04
N THR B 234 -0.50 -27.94 19.92
CA THR B 234 0.88 -27.46 19.80
C THR B 234 1.68 -28.44 18.96
N GLY B 235 2.13 -27.99 17.79
CA GLY B 235 3.01 -28.78 16.95
C GLY B 235 4.05 -27.95 16.21
N HIS B 236 4.03 -26.63 16.42
CA HIS B 236 4.92 -25.72 15.70
C HIS B 236 6.17 -25.44 16.51
N GLU B 237 7.05 -24.60 15.95
CA GLU B 237 8.30 -24.22 16.60
C GLU B 237 8.51 -22.72 16.72
N SER B 238 7.61 -21.90 16.18
CA SER B 238 7.80 -20.45 16.18
C SER B 238 6.43 -19.78 16.17
N ASP B 239 6.43 -18.48 15.89
CA ASP B 239 5.20 -17.69 15.93
C ASP B 239 4.24 -18.10 14.83
N ILE B 240 2.95 -17.90 15.08
CA ILE B 240 1.89 -18.26 14.15
C ILE B 240 1.29 -16.97 13.60
N ASN B 241 1.18 -16.90 12.28
CA ASN B 241 0.70 -15.70 11.59
C ASN B 241 -0.71 -15.81 11.03
N ALA B 242 -1.10 -16.98 10.52
CA ALA B 242 -2.37 -17.13 9.83
C ALA B 242 -3.07 -18.40 10.30
N ILE B 243 -4.40 -18.40 10.14
CA ILE B 243 -5.23 -19.54 10.53
C ILE B 243 -6.54 -19.47 9.75
N CYS B 244 -7.13 -20.63 9.48
CA CYS B 244 -8.39 -20.71 8.76
C CYS B 244 -9.03 -22.08 9.02
N PHE B 245 -10.34 -22.15 8.79
CA PHE B 245 -11.12 -23.35 9.03
C PHE B 245 -11.33 -24.17 7.76
N PHE B 246 -11.53 -25.48 7.95
CA PHE B 246 -11.95 -26.34 6.87
C PHE B 246 -13.41 -26.05 6.52
N PRO B 247 -13.81 -26.31 5.27
CA PRO B 247 -15.20 -25.99 4.87
C PRO B 247 -16.28 -26.67 5.71
N ASN B 248 -16.04 -27.89 6.18
CA ASN B 248 -17.05 -28.61 6.93
C ASN B 248 -16.94 -28.43 8.44
N GLY B 249 -16.04 -27.57 8.90
CA GLY B 249 -15.96 -27.24 10.31
C GLY B 249 -15.51 -28.36 11.23
N ASN B 250 -14.49 -29.12 10.85
CA ASN B 250 -13.93 -30.14 11.72
C ASN B 250 -12.40 -30.17 11.70
N ALA B 251 -11.76 -29.21 11.04
CA ALA B 251 -10.31 -29.17 10.95
C ALA B 251 -9.89 -27.75 10.61
N PHE B 252 -8.61 -27.45 10.80
CA PHE B 252 -8.09 -26.14 10.48
C PHE B 252 -6.60 -26.25 10.17
N ALA B 253 -6.06 -25.20 9.57
CA ALA B 253 -4.68 -25.15 9.14
C ALA B 253 -4.03 -23.85 9.59
N THR B 254 -2.71 -23.89 9.77
CA THR B 254 -1.95 -22.77 10.30
C THR B 254 -0.71 -22.53 9.46
N GLY B 255 -0.12 -21.35 9.64
CA GLY B 255 1.15 -21.02 9.03
C GLY B 255 2.03 -20.29 10.03
N SER B 256 3.33 -20.50 9.92
CA SER B 256 4.27 -20.02 10.93
C SER B 256 5.53 -19.48 10.26
N ASP B 257 6.46 -19.02 11.09
CA ASP B 257 7.71 -18.42 10.65
C ASP B 257 8.80 -19.44 10.37
N ASP B 258 8.56 -20.72 10.63
CA ASP B 258 9.51 -21.77 10.32
C ASP B 258 9.30 -22.35 8.92
N ALA B 259 8.52 -21.67 8.09
CA ALA B 259 8.30 -22.04 6.69
C ALA B 259 7.63 -23.40 6.56
N THR B 260 6.51 -23.57 7.26
CA THR B 260 5.79 -24.82 7.25
C THR B 260 4.32 -24.57 7.55
N CYS B 261 3.45 -25.36 6.91
CA CYS B 261 2.02 -25.36 7.19
C CYS B 261 1.62 -26.74 7.71
N ARG B 262 0.62 -26.77 8.58
CA ARG B 262 0.22 -28.00 9.25
C ARG B 262 -1.29 -28.09 9.32
N LEU B 263 -1.79 -29.32 9.45
CA LEU B 263 -3.22 -29.60 9.48
C LEU B 263 -3.55 -30.35 10.76
N PHE B 264 -4.58 -29.89 11.47
CA PHE B 264 -5.00 -30.47 12.74
C PHE B 264 -6.42 -30.99 12.64
N ASP B 265 -6.73 -31.99 13.48
CA ASP B 265 -8.06 -32.58 13.56
C ASP B 265 -8.60 -32.38 14.97
N LEU B 266 -9.84 -31.88 15.06
CA LEU B 266 -10.44 -31.61 16.36
C LEU B 266 -10.87 -32.90 17.06
N ARG B 267 -11.40 -33.87 16.30
CA ARG B 267 -11.91 -35.09 16.91
C ARG B 267 -10.77 -35.93 17.50
N ALA B 268 -9.69 -36.10 16.74
CA ALA B 268 -8.54 -36.86 17.23
C ALA B 268 -7.62 -36.03 18.09
N ASP B 269 -7.75 -34.70 18.06
CA ASP B 269 -6.95 -33.78 18.88
C ASP B 269 -5.45 -33.97 18.64
N GLN B 270 -5.07 -34.13 17.37
CA GLN B 270 -3.65 -34.26 17.01
C GLN B 270 -3.48 -33.88 15.55
N GLU B 271 -2.26 -34.04 15.07
CA GLU B 271 -1.83 -33.57 13.75
C GLU B 271 -2.04 -34.65 12.68
N LEU B 272 -2.16 -34.20 11.43
CA LEU B 272 -2.38 -35.10 10.31
C LEU B 272 -1.33 -35.00 9.20
N MET B 273 -0.92 -33.79 8.82
CA MET B 273 -0.10 -33.63 7.62
C MET B 273 0.80 -32.42 7.77
N THR B 274 1.90 -32.42 7.00
CA THR B 274 2.90 -31.37 7.01
C THR B 274 3.25 -30.99 5.57
N TYR B 275 3.32 -29.69 5.30
CA TYR B 275 3.58 -29.16 3.95
C TYR B 275 4.88 -28.37 3.99
N SER B 276 6.00 -29.04 3.72
CA SER B 276 7.31 -28.42 3.74
C SER B 276 8.10 -28.80 2.49
N HIS B 277 8.96 -27.89 2.05
CA HIS B 277 9.82 -28.11 0.90
C HIS B 277 11.24 -27.70 1.25
N ASP B 278 12.21 -28.30 0.55
CA ASP B 278 13.61 -28.11 0.89
C ASP B 278 14.20 -26.81 0.35
N ASN B 279 13.52 -26.15 -0.60
CA ASN B 279 14.03 -24.94 -1.23
C ASN B 279 13.37 -23.67 -0.71
N ILE B 280 12.50 -23.77 0.30
CA ILE B 280 11.77 -22.64 0.84
C ILE B 280 12.30 -22.35 2.23
N ILE B 281 12.84 -21.14 2.43
CA ILE B 281 13.43 -20.76 3.70
C ILE B 281 12.85 -19.44 4.19
N CYS B 282 11.60 -19.15 3.82
CA CYS B 282 10.94 -17.92 4.22
C CYS B 282 9.56 -18.24 4.79
N GLY B 283 9.08 -17.37 5.67
CA GLY B 283 7.84 -17.61 6.38
C GLY B 283 6.60 -17.36 5.55
N ILE B 284 5.46 -17.82 6.09
CA ILE B 284 4.16 -17.70 5.44
C ILE B 284 3.36 -16.60 6.13
N THR B 285 2.71 -15.76 5.32
CA THR B 285 1.95 -14.63 5.85
C THR B 285 0.43 -14.79 5.78
N SER B 286 -0.07 -15.73 4.99
CA SER B 286 -1.51 -15.89 4.85
C SER B 286 -1.82 -17.25 4.24
N VAL B 287 -2.95 -17.83 4.65
CA VAL B 287 -3.42 -19.10 4.14
C VAL B 287 -4.91 -18.99 3.84
N SER B 288 -5.40 -19.88 2.98
CA SER B 288 -6.81 -19.92 2.61
C SER B 288 -7.11 -21.24 1.91
N PHE B 289 -8.35 -21.69 2.04
CA PHE B 289 -8.84 -22.90 1.39
C PHE B 289 -9.67 -22.53 0.15
N SER B 290 -9.95 -23.54 -0.66
CA SER B 290 -10.83 -23.38 -1.81
C SER B 290 -12.26 -23.76 -1.41
N LYS B 291 -13.18 -23.69 -2.38
CA LYS B 291 -14.58 -23.98 -2.09
C LYS B 291 -14.79 -25.44 -1.73
N SER B 292 -14.11 -26.35 -2.43
CA SER B 292 -14.25 -27.78 -2.18
C SER B 292 -13.36 -28.27 -1.06
N GLY B 293 -12.23 -27.60 -0.81
CA GLY B 293 -11.34 -27.96 0.27
C GLY B 293 -10.17 -28.84 -0.11
N ARG B 294 -9.92 -29.06 -1.41
CA ARG B 294 -8.83 -29.91 -1.84
C ARG B 294 -7.54 -29.13 -2.10
N LEU B 295 -7.62 -27.84 -2.40
CA LEU B 295 -6.46 -27.01 -2.67
C LEU B 295 -6.25 -26.04 -1.52
N LEU B 296 -4.97 -25.78 -1.21
CA LEU B 296 -4.60 -24.86 -0.14
C LEU B 296 -3.63 -23.83 -0.70
N LEU B 297 -3.92 -22.54 -0.44
CA LEU B 297 -3.13 -21.44 -0.96
C LEU B 297 -2.38 -20.76 0.18
N ALA B 298 -1.17 -20.31 -0.11
CA ALA B 298 -0.33 -19.67 0.90
C ALA B 298 0.51 -18.58 0.26
N GLY B 299 0.73 -17.50 1.00
CA GLY B 299 1.56 -16.39 0.56
C GLY B 299 2.87 -16.36 1.32
N TYR B 300 3.94 -15.93 0.64
CA TYR B 300 5.28 -15.99 1.18
C TYR B 300 5.94 -14.62 1.13
N ASP B 301 7.14 -14.54 1.72
CA ASP B 301 7.95 -13.34 1.71
C ASP B 301 8.88 -13.26 0.50
N ASP B 302 9.01 -14.33 -0.28
CA ASP B 302 9.80 -14.31 -1.52
C ASP B 302 8.97 -13.88 -2.71
N PHE B 303 7.92 -13.08 -2.48
CA PHE B 303 7.16 -12.34 -3.47
C PHE B 303 6.16 -13.21 -4.23
N ASN B 304 5.97 -14.46 -3.83
CA ASN B 304 5.21 -15.42 -4.62
C ASN B 304 4.15 -16.09 -3.75
N CYS B 305 3.33 -16.93 -4.39
CA CYS B 305 2.33 -17.74 -3.73
C CYS B 305 2.37 -19.15 -4.29
N ASN B 306 2.03 -20.13 -3.44
CA ASN B 306 2.10 -21.54 -3.80
C ASN B 306 0.75 -22.20 -3.67
N VAL B 307 0.55 -23.27 -4.44
CA VAL B 307 -0.67 -24.07 -4.41
C VAL B 307 -0.28 -25.50 -4.07
N TRP B 308 -0.91 -26.06 -3.05
CA TRP B 308 -0.59 -27.39 -2.55
C TRP B 308 -1.76 -28.34 -2.74
N ASP B 309 -1.45 -29.63 -2.84
CA ASP B 309 -2.47 -30.68 -2.86
C ASP B 309 -2.68 -31.14 -1.43
N ALA B 310 -3.86 -30.86 -0.88
CA ALA B 310 -4.09 -31.08 0.55
C ALA B 310 -4.01 -32.55 0.92
N LEU B 311 -4.49 -33.44 0.04
CA LEU B 311 -4.54 -34.86 0.34
C LEU B 311 -3.25 -35.60 0.01
N LYS B 312 -2.27 -34.94 -0.60
CA LYS B 312 -1.00 -35.58 -0.93
C LYS B 312 0.23 -34.77 -0.54
N ALA B 313 0.10 -33.46 -0.30
CA ALA B 313 1.20 -32.63 0.20
C ALA B 313 2.35 -32.55 -0.79
N ASP B 314 2.02 -32.26 -2.06
CA ASP B 314 3.02 -31.96 -3.06
C ASP B 314 2.57 -30.74 -3.87
N ARG B 315 3.54 -29.89 -4.22
CA ARG B 315 3.22 -28.63 -4.87
C ARG B 315 2.66 -28.85 -6.27
N ALA B 316 1.79 -27.93 -6.71
CA ALA B 316 1.12 -28.08 -7.99
C ALA B 316 0.98 -26.78 -8.77
N GLY B 317 1.57 -25.68 -8.33
CA GLY B 317 1.42 -24.43 -9.06
C GLY B 317 2.16 -23.30 -8.39
N VAL B 318 2.00 -22.11 -8.97
CA VAL B 318 2.67 -20.91 -8.49
C VAL B 318 1.98 -19.71 -9.10
N LEU B 319 2.05 -18.56 -8.40
CA LEU B 319 1.55 -17.29 -8.91
C LEU B 319 2.63 -16.24 -8.73
N ALA B 320 3.08 -15.66 -9.84
CA ALA B 320 4.14 -14.68 -9.85
C ALA B 320 3.67 -13.41 -10.55
N GLY B 321 4.23 -12.27 -10.13
CA GLY B 321 3.86 -11.01 -10.73
C GLY B 321 3.81 -9.82 -9.79
N HIS B 322 3.94 -10.06 -8.49
CA HIS B 322 4.00 -8.95 -7.55
C HIS B 322 5.44 -8.49 -7.37
N ASP B 323 5.61 -7.28 -6.83
CA ASP B 323 6.92 -6.66 -6.70
C ASP B 323 7.45 -6.70 -5.27
N ASN B 324 6.58 -6.60 -4.29
CA ASN B 324 6.93 -6.76 -2.88
C ASN B 324 6.12 -7.92 -2.30
N ARG B 325 6.28 -8.13 -1.00
CA ARG B 325 5.70 -9.30 -0.36
C ARG B 325 4.18 -9.21 -0.28
N VAL B 326 3.53 -10.36 -0.41
CA VAL B 326 2.07 -10.42 -0.33
C VAL B 326 1.66 -10.40 1.14
N SER B 327 0.65 -9.59 1.45
CA SER B 327 0.23 -9.40 2.83
C SER B 327 -1.19 -9.88 3.12
N CYS B 328 -2.03 -10.07 2.09
CA CYS B 328 -3.40 -10.51 2.31
C CYS B 328 -3.82 -11.39 1.13
N LEU B 329 -4.86 -12.18 1.35
CA LEU B 329 -5.32 -13.13 0.36
C LEU B 329 -6.72 -13.59 0.75
N GLY B 330 -7.61 -13.70 -0.25
CA GLY B 330 -8.97 -14.10 0.01
C GLY B 330 -9.61 -14.77 -1.19
N VAL B 331 -10.63 -15.56 -0.91
CA VAL B 331 -11.39 -16.29 -1.93
C VAL B 331 -12.86 -15.93 -1.79
N THR B 332 -13.53 -15.76 -2.92
CA THR B 332 -14.93 -15.33 -2.91
C THR B 332 -15.82 -16.39 -2.27
N ASP B 333 -17.07 -15.99 -2.00
CA ASP B 333 -18.02 -16.89 -1.36
C ASP B 333 -18.42 -18.05 -2.26
N ASP B 334 -18.53 -17.80 -3.56
CA ASP B 334 -18.88 -18.83 -4.52
C ASP B 334 -17.66 -19.48 -5.18
N GLY B 335 -16.46 -19.15 -4.72
CA GLY B 335 -15.26 -19.83 -5.15
C GLY B 335 -14.91 -19.69 -6.61
N MET B 336 -14.95 -18.47 -7.14
CA MET B 336 -14.68 -18.23 -8.55
C MET B 336 -13.49 -17.32 -8.82
N ALA B 337 -13.00 -16.60 -7.81
CA ALA B 337 -11.86 -15.71 -8.02
C ALA B 337 -11.04 -15.61 -6.75
N VAL B 338 -9.80 -15.16 -6.91
CA VAL B 338 -8.87 -14.94 -5.82
C VAL B 338 -8.29 -13.54 -5.94
N ALA B 339 -8.15 -12.84 -4.81
CA ALA B 339 -7.62 -11.49 -4.78
C ALA B 339 -6.46 -11.43 -3.81
N THR B 340 -5.36 -10.80 -4.23
CA THR B 340 -4.15 -10.67 -3.42
C THR B 340 -3.71 -9.22 -3.38
N GLY B 341 -3.37 -8.74 -2.18
CA GLY B 341 -2.73 -7.45 -2.01
C GLY B 341 -1.24 -7.61 -1.76
N SER B 342 -0.54 -6.49 -1.78
CA SER B 342 0.91 -6.51 -1.63
C SER B 342 1.39 -5.15 -1.13
N TRP B 343 2.68 -5.08 -0.82
CA TRP B 343 3.30 -3.87 -0.29
C TRP B 343 3.69 -2.88 -1.38
N ASP B 344 3.47 -3.21 -2.65
CA ASP B 344 3.68 -2.27 -3.75
C ASP B 344 2.41 -1.55 -4.15
N SER B 345 1.35 -1.66 -3.34
CA SER B 345 0.12 -0.86 -3.49
C SER B 345 -0.64 -1.20 -4.76
N PHE B 346 -0.82 -2.50 -5.01
CA PHE B 346 -1.64 -2.96 -6.12
C PHE B 346 -2.48 -4.14 -5.68
N LEU B 347 -3.63 -4.30 -6.33
CA LEU B 347 -4.52 -5.43 -6.15
C LEU B 347 -4.69 -6.16 -7.47
N LYS B 348 -4.64 -7.48 -7.43
CA LYS B 348 -4.78 -8.30 -8.63
C LYS B 348 -5.83 -9.37 -8.40
N ILE B 349 -6.50 -9.75 -9.49
CA ILE B 349 -7.54 -10.77 -9.46
C ILE B 349 -7.15 -11.86 -10.44
N TRP B 350 -7.13 -13.10 -9.98
CA TRP B 350 -6.67 -14.24 -10.76
C TRP B 350 -7.84 -15.16 -11.08
N ASN B 351 -8.01 -15.48 -12.35
CA ASN B 351 -9.12 -16.31 -12.83
C ASN B 351 -10.48 -15.77 -12.39
N THR C 6 3.61 -14.68 46.13
CA THR C 6 2.36 -15.39 45.88
C THR C 6 1.87 -15.13 44.45
N ALA C 7 2.60 -14.28 43.73
CA ALA C 7 2.23 -14.00 42.35
C ALA C 7 2.34 -15.23 41.47
N SER C 8 3.41 -16.01 41.64
CA SER C 8 3.56 -17.22 40.84
C SER C 8 2.62 -18.33 41.30
N ILE C 9 2.18 -18.29 42.56
CA ILE C 9 1.26 -19.30 43.07
C ILE C 9 -0.06 -19.25 42.32
N ALA C 10 -0.57 -18.04 42.06
CA ALA C 10 -1.83 -17.90 41.34
C ALA C 10 -1.72 -18.45 39.92
N GLN C 11 -0.59 -18.18 39.24
CA GLN C 11 -0.40 -18.70 37.90
C GLN C 11 -0.09 -20.19 37.89
N ALA C 12 0.41 -20.74 38.99
CA ALA C 12 0.73 -22.16 39.07
C ALA C 12 -0.43 -23.01 39.56
N ARG C 13 -1.54 -22.39 39.99
CA ARG C 13 -2.72 -23.12 40.42
C ARG C 13 -3.77 -23.23 39.33
N LYS C 14 -3.99 -22.16 38.57
CA LYS C 14 -4.93 -22.23 37.45
C LYS C 14 -4.40 -23.08 36.32
N LEU C 15 -3.07 -23.14 36.17
CA LEU C 15 -2.47 -24.00 35.15
C LEU C 15 -2.74 -25.47 35.45
N VAL C 16 -2.63 -25.87 36.72
CA VAL C 16 -2.92 -27.24 37.09
C VAL C 16 -4.42 -27.52 36.97
N GLU C 17 -5.25 -26.56 37.35
CA GLU C 17 -6.70 -26.74 37.26
C GLU C 17 -7.15 -26.90 35.81
N GLN C 18 -6.54 -26.14 34.90
CA GLN C 18 -6.91 -26.24 33.49
C GLN C 18 -6.59 -27.62 32.93
N LEU C 19 -5.44 -28.19 33.30
CA LEU C 19 -5.03 -29.47 32.76
C LEU C 19 -5.94 -30.61 33.24
N LYS C 20 -6.59 -30.44 34.40
CA LYS C 20 -7.43 -31.51 34.94
C LYS C 20 -8.63 -31.77 34.06
N MET C 21 -9.26 -30.72 33.53
CA MET C 21 -10.47 -30.86 32.73
C MET C 21 -10.19 -31.22 31.27
N GLU C 22 -8.92 -31.30 30.88
CA GLU C 22 -8.55 -31.70 29.53
C GLU C 22 -8.23 -33.18 29.41
N ALA C 23 -7.69 -33.78 30.48
CA ALA C 23 -7.33 -35.19 30.45
C ALA C 23 -8.56 -36.09 30.28
N ASN C 24 -9.65 -35.76 30.96
CA ASN C 24 -10.87 -36.56 30.91
C ASN C 24 -11.67 -36.21 29.66
N ILE C 25 -11.12 -36.64 28.52
CA ILE C 25 -11.73 -36.41 27.22
C ILE C 25 -11.69 -37.72 26.43
N ASP C 26 -12.51 -37.78 25.38
CA ASP C 26 -12.63 -38.96 24.53
C ASP C 26 -12.05 -38.66 23.16
N ARG C 27 -11.38 -39.65 22.57
CA ARG C 27 -10.76 -39.51 21.27
C ARG C 27 -11.11 -40.71 20.40
N ILE C 28 -11.00 -40.52 19.09
CA ILE C 28 -11.27 -41.57 18.11
C ILE C 28 -10.00 -41.82 17.31
N LYS C 29 -10.03 -42.90 16.53
CA LYS C 29 -8.85 -43.30 15.78
C LYS C 29 -8.60 -42.36 14.60
N VAL C 30 -7.33 -42.26 14.19
CA VAL C 30 -6.99 -41.45 13.03
C VAL C 30 -7.58 -42.05 11.76
N SER C 31 -7.66 -43.39 11.69
CA SER C 31 -8.25 -44.03 10.52
C SER C 31 -9.70 -43.62 10.34
N LYS C 32 -10.45 -43.54 11.44
CA LYS C 32 -11.82 -43.06 11.37
C LYS C 32 -11.87 -41.58 11.02
N ALA C 33 -10.94 -40.79 11.55
CA ALA C 33 -10.95 -39.35 11.29
C ALA C 33 -10.53 -39.03 9.86
N ALA C 34 -9.55 -39.76 9.32
CA ALA C 34 -9.05 -39.46 7.99
C ALA C 34 -10.03 -39.86 6.90
N ALA C 35 -10.83 -40.90 7.14
CA ALA C 35 -11.77 -41.36 6.12
C ALA C 35 -12.87 -40.34 5.86
N ASP C 36 -13.28 -39.60 6.88
CA ASP C 36 -14.37 -38.64 6.71
C ASP C 36 -13.94 -37.46 5.85
N LEU C 37 -12.68 -37.05 5.94
CA LEU C 37 -12.17 -36.00 5.07
C LEU C 37 -12.14 -36.45 3.62
N MET C 38 -11.90 -37.74 3.37
CA MET C 38 -11.90 -38.25 2.01
C MET C 38 -13.28 -38.15 1.37
N ALA C 39 -14.33 -38.50 2.10
CA ALA C 39 -15.67 -38.54 1.52
C ALA C 39 -16.15 -37.16 1.12
N TYR C 40 -15.87 -36.14 1.93
CA TYR C 40 -16.37 -34.80 1.65
C TYR C 40 -15.79 -34.24 0.36
N CYS C 41 -14.50 -34.48 0.11
CA CYS C 41 -13.88 -33.97 -1.10
C CYS C 41 -14.41 -34.65 -2.35
N GLU C 42 -14.80 -35.92 -2.25
CA GLU C 42 -15.32 -36.63 -3.40
C GLU C 42 -16.73 -36.18 -3.76
N ALA C 43 -17.58 -35.97 -2.74
CA ALA C 43 -18.98 -35.63 -2.97
C ALA C 43 -19.19 -34.19 -3.43
N HIS C 44 -18.16 -33.35 -3.39
CA HIS C 44 -18.28 -31.95 -3.79
C HIS C 44 -17.25 -31.58 -4.84
N ALA C 45 -16.86 -32.55 -5.68
CA ALA C 45 -15.81 -32.32 -6.67
C ALA C 45 -16.28 -31.50 -7.86
N LYS C 46 -17.58 -31.47 -8.15
CA LYS C 46 -18.10 -30.80 -9.33
C LYS C 46 -18.57 -29.38 -9.04
N GLU C 47 -18.34 -28.88 -7.82
CA GLU C 47 -18.76 -27.54 -7.43
C GLU C 47 -17.55 -26.67 -7.10
N ASP C 48 -16.50 -26.76 -7.91
CA ASP C 48 -15.28 -25.98 -7.70
C ASP C 48 -14.79 -25.47 -9.05
N PRO C 49 -15.10 -24.21 -9.39
CA PRO C 49 -14.60 -23.65 -10.66
C PRO C 49 -13.08 -23.56 -10.73
N LEU C 50 -12.40 -23.46 -9.60
CA LEU C 50 -10.94 -23.38 -9.63
C LEU C 50 -10.32 -24.75 -9.91
N LEU C 51 -10.88 -25.81 -9.35
CA LEU C 51 -10.38 -27.14 -9.62
C LEU C 51 -10.61 -27.54 -11.07
N THR C 52 -11.85 -27.38 -11.55
CA THR C 52 -12.19 -27.65 -12.93
C THR C 52 -12.50 -26.34 -13.63
N PRO C 53 -11.68 -25.90 -14.60
CA PRO C 53 -11.89 -24.58 -15.20
C PRO C 53 -13.24 -24.45 -15.89
N VAL C 54 -13.77 -23.24 -15.86
CA VAL C 54 -15.07 -22.93 -16.47
C VAL C 54 -14.84 -22.22 -17.80
N PRO C 55 -15.74 -22.37 -18.77
CA PRO C 55 -15.53 -21.70 -20.07
C PRO C 55 -15.73 -20.19 -19.96
N ALA C 56 -15.27 -19.49 -20.99
CA ALA C 56 -15.38 -18.04 -21.03
C ALA C 56 -16.82 -17.56 -21.17
N SER C 57 -17.74 -18.44 -21.57
CA SER C 57 -19.13 -18.05 -21.71
C SER C 57 -19.74 -17.68 -20.36
N GLU C 58 -19.40 -18.41 -19.31
CA GLU C 58 -19.91 -18.18 -17.96
C GLU C 58 -18.83 -17.64 -17.04
N ASN C 59 -17.97 -16.77 -17.57
CA ASN C 59 -16.92 -16.13 -16.78
C ASN C 59 -17.20 -14.64 -16.68
N PRO C 60 -17.66 -14.13 -15.53
CA PRO C 60 -17.92 -12.69 -15.42
C PRO C 60 -16.66 -11.83 -15.45
N PHE C 61 -15.48 -12.42 -15.31
CA PHE C 61 -14.22 -11.68 -15.32
C PHE C 61 -13.53 -11.77 -16.68
N ARG C 62 -14.29 -11.82 -17.76
CA ARG C 62 -13.72 -11.88 -19.10
C ARG C 62 -13.95 -10.58 -19.86
N LYS D 9 -23.23 4.86 -17.17
CA LYS D 9 -22.61 5.98 -17.86
C LYS D 9 -22.48 7.18 -16.94
N ALA D 10 -23.48 7.40 -16.09
CA ALA D 10 -23.40 8.43 -15.06
C ALA D 10 -22.63 7.97 -13.82
N ALA D 11 -22.38 6.66 -13.68
CA ALA D 11 -21.56 6.16 -12.59
C ALA D 11 -20.07 6.23 -12.93
N VAL D 12 -19.74 6.17 -14.22
CA VAL D 12 -18.35 6.36 -14.63
C VAL D 12 -17.91 7.80 -14.41
N GLU D 13 -18.82 8.74 -14.64
CA GLU D 13 -18.49 10.15 -14.42
C GLU D 13 -18.22 10.43 -12.93
N ARG D 14 -18.98 9.80 -12.04
CA ARG D 14 -18.75 9.97 -10.61
C ARG D 14 -17.39 9.42 -10.21
N SER D 15 -16.99 8.29 -10.79
CA SER D 15 -15.71 7.69 -10.43
C SER D 15 -14.53 8.57 -10.84
N LYS D 16 -14.69 9.36 -11.90
CA LYS D 16 -13.61 10.22 -12.36
C LYS D 16 -13.42 11.44 -11.47
N MET D 17 -14.48 11.94 -10.84
CA MET D 17 -14.34 13.05 -9.92
C MET D 17 -13.68 12.65 -8.61
N ILE D 18 -13.77 11.36 -8.24
CA ILE D 18 -13.04 10.88 -7.08
C ILE D 18 -11.54 10.87 -7.33
N GLU D 19 -11.12 10.66 -8.58
CA GLU D 19 -9.70 10.60 -8.90
C GLU D 19 -9.05 11.98 -8.91
N LYS D 20 -9.81 13.02 -9.27
CA LYS D 20 -9.25 14.38 -9.21
C LYS D 20 -8.97 14.80 -7.78
N GLN D 21 -9.83 14.39 -6.85
CA GLN D 21 -9.59 14.68 -5.43
C GLN D 21 -8.38 13.91 -4.92
N LEU D 22 -8.17 12.68 -5.40
CA LEU D 22 -7.01 11.91 -4.98
C LEU D 22 -5.71 12.51 -5.50
N GLN D 23 -5.75 13.19 -6.66
CA GLN D 23 -4.55 13.83 -7.18
C GLN D 23 -4.11 14.99 -6.30
N LYS D 24 -5.06 15.77 -5.79
CA LYS D 24 -4.71 16.88 -4.92
C LYS D 24 -4.20 16.41 -3.56
N ASP D 25 -4.60 15.21 -3.13
CA ASP D 25 -4.10 14.66 -1.88
C ASP D 25 -2.68 14.15 -2.01
N LYS D 26 -2.28 13.73 -3.21
CA LYS D 26 -0.93 13.21 -3.40
C LYS D 26 0.11 14.33 -3.39
N GLN D 27 -0.30 15.54 -3.77
CA GLN D 27 0.63 16.69 -3.78
C GLN D 27 1.07 17.00 -2.35
N VAL D 28 0.16 16.93 -1.39
CA VAL D 28 0.47 17.28 0.00
C VAL D 28 1.21 16.13 0.68
N TYR D 29 0.91 14.90 0.28
CA TYR D 29 1.52 13.73 0.93
C TYR D 29 3.02 13.66 0.69
N ARG D 30 3.49 14.13 -0.46
CA ARG D 30 4.89 13.93 -0.83
C ARG D 30 5.82 14.87 -0.08
N ALA D 31 5.39 16.10 0.20
CA ALA D 31 6.20 17.05 0.95
C ALA D 31 5.74 17.12 2.41
N THR D 32 5.96 16.02 3.14
CA THR D 32 5.54 16.01 4.54
C THR D 32 6.67 15.63 5.49
N HIS D 33 7.55 14.71 5.08
CA HIS D 33 8.75 14.34 5.85
C HIS D 33 8.39 13.82 7.24
N ARG D 34 7.74 12.66 7.26
CA ARG D 34 7.43 11.98 8.51
C ARG D 34 8.70 11.51 9.21
N LEU D 35 8.64 11.43 10.54
CA LEU D 35 9.78 11.04 11.37
C LEU D 35 9.32 10.10 12.46
N LEU D 36 10.26 9.33 13.00
CA LEU D 36 10.00 8.40 14.09
C LEU D 36 10.99 8.67 15.22
N LEU D 37 10.47 8.78 16.44
CA LEU D 37 11.27 9.08 17.62
C LEU D 37 11.13 7.94 18.62
N LEU D 38 12.25 7.31 18.96
CA LEU D 38 12.26 6.25 19.97
C LEU D 38 13.53 6.35 20.79
N GLY D 39 13.38 6.18 22.10
CA GLY D 39 14.50 6.25 23.02
C GLY D 39 14.37 5.29 24.18
N ALA D 40 14.55 5.79 25.40
CA ALA D 40 14.45 4.98 26.59
C ALA D 40 14.01 5.86 27.75
N ASP D 41 13.57 5.22 28.84
CA ASP D 41 13.15 5.94 30.02
C ASP D 41 14.33 6.65 30.68
N ASN D 42 14.04 7.78 31.32
CA ASN D 42 15.02 8.60 32.01
C ASN D 42 16.11 9.13 31.08
N SER D 43 15.80 9.24 29.79
CA SER D 43 16.75 9.77 28.81
C SER D 43 16.48 11.21 28.42
N GLY D 44 15.46 11.84 29.01
CA GLY D 44 15.08 13.19 28.62
C GLY D 44 14.52 13.27 27.21
N LYS D 45 13.72 12.28 26.81
CA LYS D 45 13.20 12.25 25.45
C LYS D 45 12.11 13.29 25.21
N SER D 46 11.51 13.82 26.28
CA SER D 46 10.39 14.74 26.15
C SER D 46 10.84 16.19 26.07
N THR D 47 11.72 16.61 26.98
CA THR D 47 12.14 18.01 27.03
C THR D 47 12.85 18.43 25.76
N ILE D 48 13.55 17.50 25.09
CA ILE D 48 14.19 17.84 23.82
C ILE D 48 13.13 18.13 22.76
N VAL D 49 12.01 17.43 22.80
CA VAL D 49 10.94 17.61 21.84
C VAL D 49 9.75 18.31 22.50
N ILE D 68 1.61 12.98 24.20
CA ILE D 68 1.66 13.69 22.93
C ILE D 68 2.25 12.79 21.85
N PHE D 69 1.36 12.08 21.13
CA PHE D 69 1.81 11.19 20.06
C PHE D 69 2.44 11.97 18.92
N GLU D 70 1.75 13.01 18.44
CA GLU D 70 2.16 13.73 17.24
C GLU D 70 2.62 15.14 17.59
N THR D 71 3.58 15.64 16.81
CA THR D 71 4.11 16.98 16.99
C THR D 71 4.26 17.63 15.62
N LYS D 72 3.97 18.94 15.57
CA LYS D 72 4.07 19.72 14.35
C LYS D 72 5.07 20.85 14.55
N PHE D 73 5.95 21.06 13.57
CA PHE D 73 6.79 22.25 13.54
C PHE D 73 7.16 22.54 12.10
N GLN D 74 7.53 23.80 11.85
CA GLN D 74 7.79 24.30 10.51
C GLN D 74 9.11 25.05 10.50
N VAL D 75 9.98 24.71 9.55
CA VAL D 75 11.26 25.37 9.36
C VAL D 75 11.38 25.77 7.90
N ASP D 76 11.53 27.07 7.65
CA ASP D 76 11.69 27.60 6.29
C ASP D 76 10.55 27.15 5.37
N LYS D 77 9.33 27.22 5.89
CA LYS D 77 8.12 26.83 5.15
C LYS D 77 8.16 25.37 4.71
N VAL D 78 8.81 24.51 5.50
CA VAL D 78 8.85 23.07 5.27
C VAL D 78 8.22 22.39 6.47
N ASN D 79 7.31 21.46 6.21
CA ASN D 79 6.54 20.79 7.25
C ASN D 79 7.24 19.50 7.69
N PHE D 80 7.19 19.23 8.99
CA PHE D 80 7.71 17.99 9.57
C PHE D 80 6.66 17.42 10.52
N HIS D 81 6.69 16.09 10.68
CA HIS D 81 5.71 15.41 11.53
C HIS D 81 6.41 14.25 12.22
N MET D 82 6.35 14.24 13.55
CA MET D 82 7.08 13.28 14.36
C MET D 82 6.14 12.52 15.29
N PHE D 83 6.44 11.25 15.52
CA PHE D 83 5.55 10.35 16.24
C PHE D 83 6.25 9.70 17.42
N ASP D 84 5.48 9.40 18.46
CA ASP D 84 5.94 8.67 19.63
C ASP D 84 4.93 7.58 19.95
N VAL D 85 5.44 6.37 20.21
CA VAL D 85 4.58 5.18 20.28
C VAL D 85 4.64 4.60 21.68
N GLY D 86 4.78 5.46 22.68
CA GLY D 86 4.83 4.98 24.06
C GLY D 86 3.49 4.61 24.63
N GLY D 87 2.88 3.55 24.13
CA GLY D 87 1.57 3.13 24.62
C GLY D 87 1.33 1.63 24.64
N GLN D 88 2.39 0.83 24.46
CA GLN D 88 2.25 -0.62 24.44
C GLN D 88 3.20 -1.31 25.42
N ARG D 89 3.30 -2.62 25.31
CA ARG D 89 4.16 -3.42 26.19
C ARG D 89 5.63 -3.26 25.77
N ASP D 90 6.51 -4.07 26.35
CA ASP D 90 7.94 -3.96 26.12
C ASP D 90 8.45 -4.89 25.03
N GLU D 91 7.58 -5.63 24.35
CA GLU D 91 7.96 -6.46 23.22
C GLU D 91 7.52 -5.76 21.93
N ARG D 92 8.48 -5.47 21.05
CA ARG D 92 8.24 -4.59 19.91
C ARG D 92 8.72 -5.21 18.60
N ARG D 93 8.74 -6.54 18.50
CA ARG D 93 9.20 -7.19 17.28
C ARG D 93 8.08 -7.37 16.26
N LYS D 94 6.88 -6.87 16.54
CA LYS D 94 5.74 -7.01 15.65
C LYS D 94 5.24 -5.69 15.09
N TRP D 95 5.12 -4.65 15.91
CA TRP D 95 4.58 -3.39 15.46
C TRP D 95 5.65 -2.44 14.92
N ILE D 96 6.91 -2.83 14.95
CA ILE D 96 7.97 -1.98 14.41
C ILE D 96 8.09 -2.10 12.90
N GLN D 97 7.40 -3.06 12.29
CA GLN D 97 7.46 -3.25 10.84
C GLN D 97 6.63 -2.23 10.08
N CYS D 98 5.87 -1.39 10.77
CA CYS D 98 5.09 -0.35 10.11
C CYS D 98 5.96 0.80 9.63
N PHE D 99 7.04 1.10 10.34
CA PHE D 99 7.89 2.26 10.04
C PHE D 99 9.06 1.86 9.15
N ASN D 100 8.72 1.30 7.99
CA ASN D 100 9.73 0.83 7.04
C ASN D 100 10.00 1.80 5.91
N ASP D 101 9.29 2.94 5.87
CA ASP D 101 9.49 3.91 4.79
C ASP D 101 9.47 5.34 5.31
N VAL D 102 9.89 5.55 6.56
CA VAL D 102 10.01 6.91 7.11
C VAL D 102 11.29 7.55 6.59
N THR D 103 11.41 8.86 6.76
CA THR D 103 12.60 9.56 6.27
C THR D 103 13.83 9.22 7.11
N ALA D 104 13.68 9.21 8.43
CA ALA D 104 14.81 8.93 9.32
C ALA D 104 14.26 8.52 10.68
N ILE D 105 15.18 8.06 11.54
CA ILE D 105 14.86 7.64 12.90
C ILE D 105 15.77 8.39 13.85
N ILE D 106 15.18 8.93 14.92
CA ILE D 106 15.93 9.66 15.94
C ILE D 106 16.14 8.75 17.14
N PHE D 107 17.39 8.62 17.57
CA PHE D 107 17.77 7.77 18.70
C PHE D 107 18.37 8.64 19.79
N VAL D 108 17.84 8.52 21.01
CA VAL D 108 18.24 9.36 22.13
C VAL D 108 18.89 8.48 23.19
N VAL D 109 20.03 8.93 23.71
CA VAL D 109 20.81 8.19 24.69
C VAL D 109 21.10 9.10 25.87
N ASP D 110 20.85 8.62 27.08
CA ASP D 110 21.20 9.33 28.31
C ASP D 110 22.63 8.98 28.67
N SER D 111 23.57 9.73 28.09
CA SER D 111 24.98 9.39 28.19
C SER D 111 25.62 9.92 29.47
N SER D 112 25.03 9.59 30.62
CA SER D 112 25.59 10.06 31.89
C SER D 112 25.82 8.90 32.86
N ASP D 113 24.99 7.86 32.75
CA ASP D 113 25.11 6.68 33.60
C ASP D 113 25.84 5.57 32.85
N TYR D 114 26.63 4.80 33.59
CA TYR D 114 27.44 3.74 33.00
C TYR D 114 26.91 2.35 33.27
N ASN D 115 26.04 2.18 34.27
CA ASN D 115 25.52 0.85 34.58
C ASN D 115 24.48 0.40 33.56
N ARG D 116 23.83 1.33 32.88
CA ARG D 116 22.81 1.02 31.88
C ARG D 116 23.23 1.40 30.47
N LEU D 117 24.53 1.49 30.22
CA LEU D 117 25.01 1.89 28.91
C LEU D 117 25.25 0.71 27.98
N GLN D 118 25.59 -0.46 28.53
CA GLN D 118 25.71 -1.66 27.70
C GLN D 118 24.37 -2.09 27.13
N GLU D 119 23.28 -1.84 27.86
CA GLU D 119 21.95 -2.17 27.34
C GLU D 119 21.61 -1.33 26.12
N ALA D 120 22.03 -0.05 26.12
CA ALA D 120 21.70 0.84 25.02
C ALA D 120 22.39 0.42 23.72
N LEU D 121 23.56 -0.20 23.84
CA LEU D 121 24.31 -0.64 22.63
C LEU D 121 23.54 -1.76 21.95
N ASN D 122 23.18 -2.80 22.71
CA ASN D 122 22.43 -3.96 22.14
C ASN D 122 21.28 -3.46 21.27
N ASP D 123 20.41 -2.62 21.84
CA ASP D 123 19.24 -2.09 21.08
C ASP D 123 19.71 -1.61 19.72
N PHE D 124 20.61 -0.62 19.70
CA PHE D 124 21.11 -0.07 18.44
C PHE D 124 21.50 -1.19 17.47
N LYS D 125 22.06 -2.28 17.99
CA LYS D 125 22.54 -3.34 17.12
C LYS D 125 21.40 -4.10 16.46
N SER D 126 20.26 -4.23 17.16
CA SER D 126 19.12 -4.93 16.59
C SER D 126 18.45 -4.11 15.50
N ILE D 127 18.40 -2.78 15.67
CA ILE D 127 17.77 -1.92 14.66
C ILE D 127 18.63 -1.86 13.40
N TRP D 128 19.95 -1.77 13.56
CA TRP D 128 20.84 -1.63 12.41
C TRP D 128 20.78 -2.85 11.51
N ASN D 129 20.73 -4.04 12.09
CA ASN D 129 20.85 -5.29 11.35
C ASN D 129 19.51 -5.93 11.01
N ASN D 130 18.40 -5.23 11.23
CA ASN D 130 17.09 -5.79 10.91
C ASN D 130 16.89 -5.89 9.40
N ARG D 131 16.08 -6.86 9.00
CA ARG D 131 15.90 -7.15 7.57
C ARG D 131 15.01 -6.14 6.88
N TRP D 132 14.00 -5.62 7.56
CA TRP D 132 13.02 -4.73 6.95
C TRP D 132 13.37 -3.26 7.11
N LEU D 133 14.52 -2.94 7.71
CA LEU D 133 14.97 -1.56 7.93
C LEU D 133 16.39 -1.38 7.42
N ARG D 134 16.66 -1.86 6.21
CA ARG D 134 18.00 -1.84 5.66
C ARG D 134 18.32 -0.57 4.87
N THR D 135 17.33 0.28 4.63
CA THR D 135 17.54 1.50 3.84
C THR D 135 17.11 2.75 4.60
N ILE D 136 17.18 2.71 5.92
CA ILE D 136 16.76 3.83 6.77
C ILE D 136 17.99 4.33 7.53
N SER D 137 18.16 5.64 7.54
CA SER D 137 19.27 6.26 8.26
C SER D 137 18.83 6.65 9.67
N VAL D 138 19.83 6.84 10.54
CA VAL D 138 19.60 7.09 11.96
C VAL D 138 20.35 8.36 12.35
N ILE D 139 19.66 9.25 13.06
CA ILE D 139 20.26 10.43 13.66
C ILE D 139 20.43 10.18 15.14
N LEU D 140 21.64 10.40 15.66
CA LEU D 140 22.00 10.02 17.02
C LEU D 140 22.19 11.28 17.86
N PHE D 141 21.46 11.35 18.97
CA PHE D 141 21.57 12.45 19.92
C PHE D 141 22.11 11.91 21.23
N LEU D 142 23.22 12.48 21.69
CA LEU D 142 23.85 12.09 22.96
C LEU D 142 23.54 13.17 23.98
N ASN D 143 22.41 13.01 24.67
CA ASN D 143 21.89 14.01 25.59
C ASN D 143 22.60 13.90 26.93
N LYS D 144 22.23 14.79 27.86
CA LYS D 144 22.74 14.80 29.24
C LYS D 144 24.25 15.04 29.27
N GLN D 145 24.65 16.21 28.78
CA GLN D 145 26.04 16.60 28.73
C GLN D 145 26.49 17.42 29.95
N ASP D 146 25.63 18.32 30.42
CA ASP D 146 26.01 19.17 31.55
C ASP D 146 26.17 18.37 32.83
N LEU D 147 25.47 17.24 32.95
CA LEU D 147 25.60 16.41 34.14
C LEU D 147 26.99 15.78 34.22
N LEU D 148 27.45 15.19 33.13
CA LEU D 148 28.73 14.49 33.12
C LEU D 148 29.92 15.42 33.21
N ALA D 149 29.72 16.73 33.01
CA ALA D 149 30.85 17.66 33.05
C ALA D 149 31.46 17.72 34.44
N GLU D 150 30.64 17.75 35.48
CA GLU D 150 31.12 17.94 36.84
C GLU D 150 30.68 16.86 37.82
N LYS D 151 29.52 16.23 37.61
CA LYS D 151 29.03 15.25 38.58
C LYS D 151 29.94 14.05 38.68
N VAL D 152 30.49 13.60 37.54
CA VAL D 152 31.39 12.44 37.53
C VAL D 152 32.85 12.86 37.51
N LEU D 153 33.15 14.12 37.20
CA LEU D 153 34.54 14.58 37.18
C LEU D 153 35.15 14.59 38.57
N ALA D 154 34.32 14.73 39.62
CA ALA D 154 34.83 14.69 40.98
C ALA D 154 35.46 13.33 41.28
N GLY D 155 34.87 12.26 40.77
CA GLY D 155 35.42 10.93 40.90
C GLY D 155 34.59 10.01 41.77
N LYS D 156 33.76 9.20 41.14
CA LYS D 156 33.03 8.14 41.81
C LYS D 156 32.95 6.86 40.98
N SER D 157 33.61 6.82 39.82
CA SER D 157 33.56 5.66 38.95
C SER D 157 34.88 5.56 38.20
N LYS D 158 35.17 4.37 37.70
CA LYS D 158 36.43 4.11 37.01
C LYS D 158 36.18 3.03 35.97
N ILE D 159 37.26 2.45 35.48
CA ILE D 159 37.20 1.37 34.50
C ILE D 159 37.36 0.04 35.23
N GLU D 160 36.92 -1.03 34.57
CA GLU D 160 36.96 -2.40 35.09
C GLU D 160 36.01 -2.58 36.26
N ASP D 161 35.35 -1.49 36.68
CA ASP D 161 34.26 -1.55 37.64
C ASP D 161 32.92 -1.25 36.99
N TYR D 162 32.94 -0.63 35.82
CA TYR D 162 31.75 -0.34 35.02
C TYR D 162 32.13 -0.67 33.59
N PHE D 163 31.36 -0.14 32.63
CA PHE D 163 31.52 -0.43 31.20
C PHE D 163 32.98 -0.38 30.77
N PRO D 164 33.60 -1.54 30.48
CA PRO D 164 35.04 -1.56 30.22
C PRO D 164 35.40 -1.37 28.76
N GLU D 165 34.83 -0.38 28.08
CA GLU D 165 35.19 -0.15 26.70
C GLU D 165 35.31 1.32 26.33
N PHE D 166 35.14 2.25 27.27
CA PHE D 166 35.39 3.65 26.98
C PHE D 166 36.81 4.08 27.28
N ALA D 167 37.63 3.19 27.83
CA ALA D 167 39.04 3.48 28.11
C ALA D 167 39.91 2.29 27.71
N ARG D 168 39.61 1.68 26.57
CA ARG D 168 40.46 0.62 26.04
C ARG D 168 41.62 1.21 25.24
N TYR D 169 42.38 2.10 25.88
CA TYR D 169 43.54 2.75 25.27
C TYR D 169 43.15 3.52 24.01
N THR D 170 42.27 4.50 24.20
CA THR D 170 41.73 5.30 23.10
C THR D 170 42.42 6.66 23.06
N THR D 171 42.73 7.12 21.86
CA THR D 171 43.35 8.44 21.65
C THR D 171 42.98 8.94 20.27
N PRO D 172 41.95 9.79 20.17
CA PRO D 172 41.61 10.37 18.86
C PRO D 172 42.26 11.73 18.64
N GLU D 173 42.77 11.97 17.43
CA GLU D 173 43.26 13.30 17.04
C GLU D 173 42.65 13.65 15.69
N ASP D 174 41.41 14.15 15.71
CA ASP D 174 40.81 14.77 14.53
C ASP D 174 39.95 15.98 14.85
N ALA D 175 39.71 16.30 16.12
CA ALA D 175 38.83 17.40 16.50
C ALA D 175 38.95 17.70 17.98
N THR D 176 39.17 18.96 18.35
CA THR D 176 39.22 19.39 19.75
C THR D 176 38.38 20.66 19.91
N PRO D 177 37.05 20.54 19.85
CA PRO D 177 36.19 21.71 19.94
C PRO D 177 36.09 22.26 21.37
N GLU D 178 35.20 23.24 21.57
CA GLU D 178 34.92 23.84 22.87
C GLU D 178 36.17 24.46 23.47
N PRO D 179 36.63 25.60 22.95
CA PRO D 179 37.89 26.19 23.42
C PRO D 179 37.89 26.45 24.92
N GLY D 180 38.82 25.82 25.61
CA GLY D 180 39.02 25.99 27.03
C GLY D 180 38.45 24.86 27.87
N GLU D 181 39.31 23.91 28.23
CA GLU D 181 38.96 22.75 29.04
C GLU D 181 40.21 21.90 29.20
N ASP D 182 40.22 21.05 30.23
CA ASP D 182 41.21 20.00 30.31
C ASP D 182 40.77 18.81 29.44
N PRO D 183 41.71 17.95 29.03
CA PRO D 183 41.39 16.95 28.00
C PRO D 183 40.19 16.06 28.31
N ARG D 184 39.87 15.82 29.58
CA ARG D 184 38.75 14.96 29.96
C ARG D 184 37.57 15.84 30.39
N VAL D 185 36.80 16.29 29.40
CA VAL D 185 35.53 16.97 29.67
C VAL D 185 34.41 16.30 28.88
N THR D 186 34.59 16.17 27.57
CA THR D 186 33.61 15.59 26.68
C THR D 186 33.65 14.06 26.72
N ARG D 187 34.65 13.48 27.39
CA ARG D 187 34.84 12.03 27.36
C ARG D 187 33.57 11.29 27.73
N ALA D 188 32.96 11.64 28.87
CA ALA D 188 31.77 10.92 29.32
C ALA D 188 30.64 10.99 28.30
N LYS D 189 30.68 11.99 27.41
CA LYS D 189 29.84 11.98 26.21
C LYS D 189 30.61 11.53 24.96
N TYR D 190 31.93 11.73 24.93
CA TYR D 190 32.74 11.20 23.85
C TYR D 190 32.84 9.68 23.94
N PHE D 191 32.74 9.12 25.15
CA PHE D 191 32.73 7.68 25.36
C PHE D 191 31.88 6.95 24.32
N ILE D 192 30.60 7.34 24.28
CA ILE D 192 29.58 6.62 23.52
C ILE D 192 29.78 6.74 22.01
N ARG D 193 30.54 7.75 21.55
CA ARG D 193 30.65 7.99 20.12
C ARG D 193 31.32 6.84 19.38
N ASP D 194 32.35 6.23 20.00
CA ASP D 194 33.16 5.24 19.29
C ASP D 194 32.42 3.93 19.11
N GLU D 195 31.74 3.44 20.16
CA GLU D 195 31.10 2.13 20.07
C GLU D 195 29.94 2.12 19.09
N PHE D 196 29.19 3.22 18.99
CA PHE D 196 28.14 3.29 17.99
C PHE D 196 28.69 3.39 16.58
N LEU D 197 29.94 3.83 16.41
CA LEU D 197 30.56 3.84 15.09
C LEU D 197 31.23 2.52 14.74
N ARG D 198 31.64 1.74 15.74
CA ARG D 198 32.16 0.40 15.47
C ARG D 198 31.09 -0.49 14.85
N ILE D 199 29.86 -0.41 15.38
CA ILE D 199 28.77 -1.20 14.81
C ILE D 199 28.36 -0.65 13.45
N SER D 200 28.35 0.67 13.30
CA SER D 200 27.77 1.28 12.10
C SER D 200 28.62 1.03 10.87
N THR D 201 29.94 1.22 10.98
CA THR D 201 30.82 1.13 9.82
C THR D 201 31.18 -0.30 9.44
N ALA D 202 30.80 -1.29 10.24
CA ALA D 202 31.13 -2.68 9.96
C ALA D 202 30.06 -3.40 9.15
N SER D 203 28.97 -2.72 8.80
CA SER D 203 27.90 -3.34 8.02
C SER D 203 27.10 -2.27 7.32
N GLY D 204 26.57 -2.62 6.14
CA GLY D 204 25.83 -1.68 5.32
C GLY D 204 26.72 -1.06 4.26
N ASP D 205 26.58 -1.52 3.01
CA ASP D 205 27.51 -1.14 1.96
C ASP D 205 27.46 0.36 1.64
N GLY D 206 26.35 0.82 1.09
CA GLY D 206 26.23 2.22 0.71
C GLY D 206 24.82 2.76 0.81
N ARG D 207 23.96 2.09 1.57
CA ARG D 207 22.52 2.35 1.52
C ARG D 207 21.96 3.05 2.74
N HIS D 208 22.72 3.17 3.84
CA HIS D 208 22.30 4.01 4.95
C HIS D 208 23.53 4.39 5.76
N TYR D 209 23.43 5.50 6.50
CA TYR D 209 24.55 6.06 7.25
C TYR D 209 24.07 6.46 8.64
N CYS D 210 24.91 7.19 9.36
CA CYS D 210 24.63 7.62 10.73
C CYS D 210 25.15 9.04 10.93
N TYR D 211 24.41 9.84 11.70
CA TYR D 211 24.72 11.25 11.91
C TYR D 211 24.73 11.56 13.40
N PRO D 212 25.86 11.34 14.08
CA PRO D 212 25.91 11.63 15.52
C PRO D 212 25.90 13.11 15.82
N HIS D 213 25.32 13.46 16.98
CA HIS D 213 25.23 14.84 17.44
C HIS D 213 25.45 14.89 18.95
N PHE D 214 25.86 16.06 19.43
CA PHE D 214 26.03 16.34 20.85
C PHE D 214 25.00 17.38 21.27
N THR D 215 24.23 17.06 22.33
CA THR D 215 23.20 17.98 22.78
C THR D 215 23.21 18.20 24.29
N CYS D 216 22.21 18.91 24.78
CA CYS D 216 22.05 19.20 26.20
C CYS D 216 20.57 19.45 26.48
N ALA D 217 20.27 19.99 27.65
CA ALA D 217 18.89 20.18 28.09
C ALA D 217 18.37 21.59 27.85
N VAL D 218 19.17 22.47 27.24
CA VAL D 218 18.77 23.86 27.01
C VAL D 218 18.97 24.31 25.57
N ASP D 219 19.40 23.43 24.68
CA ASP D 219 19.64 23.83 23.29
C ASP D 219 18.33 24.17 22.59
N THR D 220 18.35 25.31 21.88
CA THR D 220 17.18 25.78 21.14
C THR D 220 17.36 25.67 19.63
N GLU D 221 18.39 24.99 19.17
CA GLU D 221 18.69 24.88 17.75
C GLU D 221 18.61 23.43 17.25
N ASN D 222 17.82 22.59 17.94
CA ASN D 222 17.68 21.20 17.53
C ASN D 222 16.74 21.02 16.35
N ALA D 223 15.93 22.03 16.04
CA ALA D 223 15.08 21.96 14.86
C ALA D 223 15.83 22.29 13.58
N ARG D 224 17.01 22.90 13.69
CA ARG D 224 17.85 23.19 12.54
C ARG D 224 18.75 22.01 12.18
N ARG D 225 19.22 21.26 13.17
CA ARG D 225 20.06 20.10 12.90
C ARG D 225 19.31 19.03 12.12
N ILE D 226 18.03 18.83 12.43
CA ILE D 226 17.22 17.88 11.68
C ILE D 226 17.00 18.38 10.26
N PHE D 227 16.87 19.70 10.09
CA PHE D 227 16.68 20.28 8.76
C PHE D 227 17.89 20.01 7.86
N ASN D 228 19.10 20.18 8.41
CA ASN D 228 20.30 19.98 7.60
C ASN D 228 20.57 18.50 7.34
N ASP D 229 20.35 17.65 8.34
CA ASP D 229 20.66 16.24 8.20
C ASP D 229 19.71 15.53 7.24
N CYS D 230 18.47 16.03 7.12
CA CYS D 230 17.53 15.47 6.16
C CYS D 230 17.83 15.90 4.73
N ARG D 231 18.56 17.00 4.54
CA ARG D 231 18.92 17.45 3.21
C ARG D 231 20.06 16.63 2.61
N ASP D 232 20.99 16.17 3.44
CA ASP D 232 22.08 15.33 2.95
C ASP D 232 21.61 13.92 2.59
N ILE D 233 20.51 13.46 3.18
CA ILE D 233 20.00 12.12 2.85
C ILE D 233 19.47 12.10 1.42
N ILE D 234 18.72 13.14 1.03
CA ILE D 234 18.16 13.17 -0.32
C ILE D 234 19.25 13.41 -1.35
N GLN D 235 20.22 14.27 -1.05
CA GLN D 235 21.29 14.56 -2.00
C GLN D 235 22.16 13.33 -2.26
N ARG D 236 22.49 12.58 -1.21
CA ARG D 236 23.31 11.38 -1.37
C ARG D 236 22.59 10.27 -2.12
N MET D 237 21.26 10.28 -2.11
CA MET D 237 20.51 9.22 -2.81
C MET D 237 20.49 9.44 -4.31
N HIS D 238 20.44 10.70 -4.75
CA HIS D 238 20.40 10.99 -6.18
C HIS D 238 21.77 10.81 -6.82
N LEU D 239 22.84 11.18 -6.11
CA LEU D 239 24.18 11.07 -6.67
C LEU D 239 24.57 9.62 -6.92
N ARG D 240 24.00 8.69 -6.15
CA ARG D 240 24.40 7.29 -6.28
C ARG D 240 23.79 6.63 -7.51
N GLN D 241 22.59 7.02 -7.92
CA GLN D 241 21.95 6.40 -9.07
C GLN D 241 22.36 7.01 -10.40
N TYR D 242 23.13 8.10 -10.38
CA TYR D 242 23.72 8.66 -11.59
C TYR D 242 25.13 8.16 -11.82
N GLU D 243 25.59 7.18 -11.04
CA GLU D 243 26.95 6.65 -11.11
C GLU D 243 27.98 7.74 -10.86
N LEU D 244 27.66 8.66 -9.94
CA LEU D 244 28.58 9.70 -9.52
C LEU D 244 29.14 9.49 -8.12
N LEU D 245 28.54 8.62 -7.33
CA LEU D 245 29.03 8.35 -5.98
C LEU D 245 29.12 6.84 -5.72
N VAL E 2 -34.24 17.74 5.53
CA VAL E 2 -34.26 17.77 4.07
C VAL E 2 -35.40 18.64 3.59
N GLN E 3 -35.07 19.82 3.06
CA GLN E 3 -36.05 20.80 2.62
C GLN E 3 -35.71 21.33 1.25
N LEU E 4 -36.75 21.65 0.48
CA LEU E 4 -36.62 22.32 -0.81
C LEU E 4 -37.76 23.32 -0.93
N VAL E 5 -37.42 24.57 -1.27
CA VAL E 5 -38.41 25.64 -1.41
C VAL E 5 -38.15 26.38 -2.71
N GLU E 6 -39.23 26.87 -3.31
CA GLU E 6 -39.16 27.61 -4.56
C GLU E 6 -39.68 29.03 -4.36
N SER E 7 -39.12 29.97 -5.11
CA SER E 7 -39.55 31.36 -5.09
C SER E 7 -39.64 31.88 -6.52
N GLY E 8 -40.64 32.72 -6.77
CA GLY E 8 -40.86 33.31 -8.07
C GLY E 8 -42.28 33.10 -8.53
N GLY E 9 -42.52 33.39 -9.81
CA GLY E 9 -43.84 33.22 -10.39
C GLY E 9 -44.72 34.45 -10.22
N GLY E 10 -45.82 34.44 -10.95
CA GLY E 10 -46.77 35.54 -10.93
C GLY E 10 -47.48 35.63 -12.27
N LEU E 11 -47.85 36.85 -12.63
CA LEU E 11 -48.52 37.14 -13.90
C LEU E 11 -47.57 37.94 -14.78
N VAL E 12 -47.31 37.42 -15.99
CA VAL E 12 -46.40 38.05 -16.94
C VAL E 12 -47.09 38.07 -18.30
N GLN E 13 -46.97 39.20 -19.00
CA GLN E 13 -47.47 39.27 -20.37
C GLN E 13 -46.56 38.46 -21.29
N PRO E 14 -47.08 37.98 -22.43
CA PRO E 14 -46.25 37.22 -23.36
C PRO E 14 -45.07 38.05 -23.86
N GLY E 15 -43.94 37.37 -24.04
CA GLY E 15 -42.71 38.01 -24.45
C GLY E 15 -41.82 38.50 -23.34
N GLY E 16 -42.22 38.35 -22.09
CA GLY E 16 -41.43 38.78 -20.96
C GLY E 16 -40.41 37.74 -20.54
N SER E 17 -39.98 37.82 -19.28
CA SER E 17 -39.01 36.89 -18.73
C SER E 17 -39.11 36.90 -17.21
N ARG E 18 -38.56 35.86 -16.60
CA ARG E 18 -38.51 35.75 -15.15
C ARG E 18 -37.50 34.66 -14.78
N LYS E 19 -36.98 34.74 -13.56
CA LYS E 19 -35.99 33.80 -13.05
C LYS E 19 -36.53 33.11 -11.81
N LEU E 20 -36.31 31.80 -11.72
CA LEU E 20 -36.80 30.97 -10.63
C LEU E 20 -35.63 30.44 -9.80
N SER E 21 -35.89 30.18 -8.52
CA SER E 21 -34.88 29.70 -7.59
C SER E 21 -35.44 28.56 -6.75
N CYS E 22 -34.59 27.55 -6.50
CA CYS E 22 -34.90 26.43 -5.62
C CYS E 22 -33.79 26.35 -4.57
N SER E 23 -34.08 26.83 -3.37
CA SER E 23 -33.10 26.84 -2.28
C SER E 23 -33.18 25.54 -1.50
N ALA E 24 -32.02 25.03 -1.11
CA ALA E 24 -31.91 23.73 -0.43
C ALA E 24 -31.11 23.88 0.85
N SER E 25 -31.43 23.03 1.83
CA SER E 25 -30.74 23.02 3.11
C SER E 25 -30.97 21.68 3.78
N GLY E 26 -29.94 21.17 4.45
CA GLY E 26 -30.04 19.97 5.24
C GLY E 26 -29.39 18.72 4.67
N PHE E 27 -28.65 18.83 3.57
CA PHE E 27 -27.99 17.68 2.98
C PHE E 27 -26.85 18.16 2.10
N ALA E 28 -26.04 17.20 1.65
CA ALA E 28 -24.87 17.50 0.83
C ALA E 28 -25.30 17.88 -0.58
N PHE E 29 -25.52 19.17 -0.82
CA PHE E 29 -26.02 19.65 -2.10
C PHE E 29 -25.05 19.42 -3.25
N SER E 30 -23.76 19.29 -2.97
CA SER E 30 -22.74 19.26 -4.02
C SER E 30 -22.61 17.92 -4.71
N SER E 31 -23.26 16.86 -4.21
CA SER E 31 -23.11 15.52 -4.75
C SER E 31 -24.37 15.00 -5.41
N PHE E 32 -25.35 15.87 -5.68
CA PHE E 32 -26.63 15.46 -6.22
C PHE E 32 -26.90 16.18 -7.54
N GLY E 33 -27.52 15.47 -8.48
CA GLY E 33 -28.04 16.09 -9.68
C GLY E 33 -29.38 16.76 -9.42
N MET E 34 -29.85 17.49 -10.42
CA MET E 34 -31.09 18.25 -10.29
C MET E 34 -31.92 18.14 -11.56
N HIS E 35 -33.23 18.25 -11.39
CA HIS E 35 -34.19 18.16 -12.49
C HIS E 35 -35.25 19.22 -12.32
N TRP E 36 -35.94 19.54 -13.40
CA TRP E 36 -37.12 20.40 -13.40
C TRP E 36 -38.28 19.67 -14.04
N VAL E 37 -39.42 19.67 -13.37
CA VAL E 37 -40.61 18.94 -13.82
C VAL E 37 -41.79 19.89 -13.82
N ARG E 38 -42.57 19.85 -14.89
CA ARG E 38 -43.66 20.79 -15.12
C ARG E 38 -45.00 20.06 -15.14
N GLN E 39 -46.01 20.64 -14.51
CA GLN E 39 -47.35 20.08 -14.48
C GLN E 39 -48.37 21.16 -14.80
N ALA E 40 -49.14 20.95 -15.87
CA ALA E 40 -50.18 21.88 -16.27
C ALA E 40 -51.31 21.90 -15.25
N PRO E 41 -52.26 22.84 -15.36
CA PRO E 41 -53.38 22.85 -14.39
C PRO E 41 -54.14 21.55 -14.30
N GLU E 42 -54.45 20.91 -15.43
CA GLU E 42 -55.05 19.56 -15.42
C GLU E 42 -54.41 18.76 -16.55
N LYS E 43 -53.28 18.12 -16.24
CA LYS E 43 -52.54 17.30 -17.19
C LYS E 43 -51.56 16.43 -16.42
N GLY E 44 -50.73 15.70 -17.15
CA GLY E 44 -49.70 14.87 -16.55
C GLY E 44 -48.45 15.67 -16.23
N LEU E 45 -47.36 14.93 -16.02
CA LEU E 45 -46.07 15.51 -15.70
C LEU E 45 -45.17 15.52 -16.93
N GLU E 46 -44.26 16.50 -16.98
CA GLU E 46 -43.34 16.67 -18.09
C GLU E 46 -41.94 16.93 -17.57
N TRP E 47 -40.95 16.49 -18.34
CA TRP E 47 -39.54 16.69 -18.02
C TRP E 47 -39.01 17.90 -18.78
N VAL E 48 -38.10 18.64 -18.14
CA VAL E 48 -37.63 19.91 -18.70
C VAL E 48 -36.13 19.90 -18.93
N ALA E 49 -35.35 19.76 -17.86
CA ALA E 49 -33.90 19.94 -17.97
C ALA E 49 -33.20 19.14 -16.88
N TYR E 50 -31.89 18.96 -17.06
CA TYR E 50 -31.05 18.21 -16.14
C TYR E 50 -29.68 18.86 -16.06
N ILE E 51 -29.21 19.12 -14.84
CA ILE E 51 -27.85 19.59 -14.58
C ILE E 51 -27.18 18.60 -13.65
N SER E 52 -26.01 18.10 -14.06
CA SER E 52 -25.34 17.04 -13.32
C SER E 52 -24.55 17.62 -12.17
N SER E 53 -23.75 16.78 -11.51
CA SER E 53 -22.86 17.23 -10.45
C SER E 53 -21.52 17.62 -11.05
N GLY E 54 -21.07 18.82 -10.74
CA GLY E 54 -19.92 19.41 -11.40
C GLY E 54 -20.26 20.21 -12.65
N SER E 55 -21.54 20.28 -13.02
CA SER E 55 -22.02 21.08 -14.14
C SER E 55 -21.42 20.66 -15.47
N GLY E 56 -20.97 19.43 -15.58
CA GLY E 56 -20.34 18.95 -16.79
C GLY E 56 -21.24 18.35 -17.84
N THR E 57 -22.55 18.31 -17.62
CA THR E 57 -23.47 17.71 -18.57
C THR E 57 -24.84 18.34 -18.42
N ILE E 58 -25.43 18.78 -19.53
CA ILE E 58 -26.71 19.48 -19.54
C ILE E 58 -27.57 18.93 -20.66
N TYR E 59 -28.87 18.76 -20.40
CA TYR E 59 -29.82 18.30 -21.40
C TYR E 59 -31.06 19.17 -21.36
N TYR E 60 -31.72 19.30 -22.50
CA TYR E 60 -32.94 20.10 -22.62
C TYR E 60 -34.00 19.33 -23.40
N ALA E 61 -35.25 19.71 -23.16
CA ALA E 61 -36.36 19.19 -23.94
C ALA E 61 -36.47 19.95 -25.26
N ASP E 62 -37.05 19.28 -26.27
CA ASP E 62 -37.11 19.88 -27.59
C ASP E 62 -38.07 21.07 -27.63
N THR E 63 -39.17 21.01 -26.88
CA THR E 63 -40.15 22.07 -26.93
C THR E 63 -39.69 23.33 -26.20
N VAL E 64 -38.73 23.22 -25.30
CA VAL E 64 -38.19 24.37 -24.59
C VAL E 64 -36.72 24.60 -24.92
N LYS E 65 -36.26 24.07 -26.05
CA LYS E 65 -34.87 24.25 -26.45
C LYS E 65 -34.68 25.60 -27.11
N GLY E 66 -33.58 26.27 -26.76
CA GLY E 66 -33.26 27.57 -27.30
C GLY E 66 -33.78 28.75 -26.51
N ARG E 67 -34.61 28.51 -25.49
CA ARG E 67 -35.16 29.58 -24.66
C ARG E 67 -34.80 29.47 -23.19
N PHE E 68 -34.63 28.25 -22.67
CA PHE E 68 -34.42 28.04 -21.25
C PHE E 68 -32.95 27.77 -20.97
N THR E 69 -32.50 28.17 -19.78
CA THR E 69 -31.13 27.97 -19.35
C THR E 69 -31.13 27.53 -17.89
N ILE E 70 -30.26 26.57 -17.58
CA ILE E 70 -30.17 26.00 -16.23
C ILE E 70 -28.73 26.14 -15.74
N SER E 71 -28.57 26.53 -14.48
CA SER E 71 -27.25 26.69 -13.89
C SER E 71 -27.38 26.57 -12.38
N ARG E 72 -26.25 26.28 -11.74
CA ARG E 72 -26.20 26.10 -10.29
C ARG E 72 -24.95 26.77 -9.74
N ASP E 73 -25.01 27.13 -8.46
CA ASP E 73 -23.86 27.67 -7.72
C ASP E 73 -23.77 26.91 -6.40
N ASP E 74 -22.79 26.01 -6.32
CA ASP E 74 -22.65 25.16 -5.14
C ASP E 74 -22.42 25.92 -3.83
N PRO E 75 -21.56 26.95 -3.76
CA PRO E 75 -21.31 27.58 -2.45
C PRO E 75 -22.55 28.13 -1.78
N LYS E 76 -23.52 28.64 -2.53
CA LYS E 76 -24.71 29.26 -1.95
C LYS E 76 -25.92 28.32 -1.89
N ASN E 77 -25.80 27.10 -2.42
CA ASN E 77 -26.88 26.11 -2.39
C ASN E 77 -28.15 26.66 -3.04
N THR E 78 -28.05 26.96 -4.32
CA THR E 78 -29.17 27.54 -5.06
C THR E 78 -29.18 27.00 -6.48
N LEU E 79 -30.39 26.94 -7.06
CA LEU E 79 -30.58 26.47 -8.43
C LEU E 79 -31.40 27.52 -9.19
N PHE E 80 -31.11 27.66 -10.48
CA PHE E 80 -31.71 28.72 -11.29
C PHE E 80 -32.30 28.15 -12.57
N LEU E 81 -33.27 28.87 -13.11
CA LEU E 81 -33.88 28.53 -14.41
C LEU E 81 -34.35 29.84 -15.04
N GLN E 82 -33.61 30.32 -16.04
CA GLN E 82 -33.93 31.55 -16.74
C GLN E 82 -34.68 31.23 -18.02
N MET E 83 -35.81 31.93 -18.23
CA MET E 83 -36.66 31.69 -19.37
C MET E 83 -36.90 32.99 -20.13
N THR E 84 -37.01 32.89 -21.45
CA THR E 84 -37.20 34.04 -22.31
C THR E 84 -38.18 33.68 -23.43
N SER E 85 -38.81 34.72 -23.98
CA SER E 85 -39.77 34.58 -25.08
C SER E 85 -40.90 33.60 -24.71
N LEU E 86 -41.63 33.97 -23.66
CA LEU E 86 -42.68 33.11 -23.15
C LEU E 86 -43.91 33.14 -24.06
N ARG E 87 -44.77 32.16 -23.88
CA ARG E 87 -46.01 32.05 -24.64
C ARG E 87 -47.07 31.39 -23.77
N SER E 88 -48.20 31.03 -24.37
CA SER E 88 -49.35 30.53 -23.63
C SER E 88 -49.15 29.12 -23.09
N GLU E 89 -48.08 28.43 -23.49
CA GLU E 89 -47.88 27.03 -23.10
C GLU E 89 -47.03 26.88 -21.84
N ASP E 90 -46.64 27.98 -21.19
CA ASP E 90 -45.78 27.92 -20.03
C ASP E 90 -46.52 28.14 -18.72
N THR E 91 -47.85 28.08 -18.72
CA THR E 91 -48.64 28.28 -17.52
C THR E 91 -48.79 26.94 -16.80
N ALA E 92 -47.90 26.69 -15.84
CA ALA E 92 -47.88 25.41 -15.14
C ALA E 92 -47.06 25.55 -13.86
N MET E 93 -47.10 24.50 -13.05
CA MET E 93 -46.32 24.40 -11.83
C MET E 93 -44.93 23.85 -12.12
N TYR E 94 -44.02 24.07 -11.17
CA TYR E 94 -42.63 23.64 -11.33
C TYR E 94 -42.15 22.99 -10.04
N TYR E 95 -41.25 22.01 -10.19
CA TYR E 95 -40.65 21.31 -9.07
C TYR E 95 -39.15 21.17 -9.31
N CYS E 96 -38.40 21.06 -8.21
CA CYS E 96 -36.98 20.76 -8.26
C CYS E 96 -36.71 19.46 -7.51
N VAL E 97 -35.99 18.55 -8.17
CA VAL E 97 -35.86 17.17 -7.72
C VAL E 97 -34.37 16.81 -7.69
N ARG E 98 -34.01 15.88 -6.81
CA ARG E 98 -32.63 15.46 -6.62
C ARG E 98 -32.47 13.99 -6.99
N SER E 99 -31.26 13.62 -7.40
CA SER E 99 -30.93 12.25 -7.75
C SER E 99 -29.45 12.00 -7.50
N ILE E 100 -29.10 10.72 -7.36
CA ILE E 100 -27.71 10.29 -7.16
C ILE E 100 -27.53 8.94 -7.85
N TYR E 101 -26.35 8.72 -8.43
CA TYR E 101 -26.09 7.56 -9.28
C TYR E 101 -24.81 6.86 -8.84
N TYR E 102 -24.96 5.66 -8.27
CA TYR E 102 -23.87 4.71 -8.15
C TYR E 102 -24.49 3.31 -8.14
N TYR E 103 -23.68 2.29 -7.84
CA TYR E 103 -24.14 0.91 -7.92
C TYR E 103 -25.04 0.60 -6.73
N GLY E 104 -26.34 0.44 -6.99
CA GLY E 104 -27.28 0.06 -5.96
C GLY E 104 -28.04 1.19 -5.28
N SER E 105 -27.99 2.40 -5.84
CA SER E 105 -28.64 3.56 -5.23
C SER E 105 -30.09 3.66 -5.71
N SER E 106 -30.77 4.76 -5.37
CA SER E 106 -32.15 4.97 -5.75
C SER E 106 -32.40 6.43 -6.14
N PRO E 107 -32.60 6.72 -7.41
CA PRO E 107 -32.82 8.11 -7.84
C PRO E 107 -34.28 8.52 -7.65
N PHE E 108 -34.50 9.84 -7.78
CA PHE E 108 -35.84 10.43 -7.80
C PHE E 108 -36.58 10.18 -6.49
N ASP E 109 -35.90 10.45 -5.38
CA ASP E 109 -36.41 10.08 -4.06
C ASP E 109 -37.14 11.23 -3.34
N PHE E 110 -36.67 12.46 -3.46
CA PHE E 110 -37.27 13.59 -2.76
C PHE E 110 -37.62 14.68 -3.76
N TRP E 111 -38.86 15.17 -3.69
CA TRP E 111 -39.35 16.24 -4.55
C TRP E 111 -39.47 17.53 -3.75
N GLY E 112 -39.68 18.63 -4.47
CA GLY E 112 -39.87 19.93 -3.85
C GLY E 112 -41.31 20.14 -3.39
N GLN E 113 -41.74 21.39 -3.43
CA GLN E 113 -43.11 21.73 -3.03
C GLN E 113 -43.91 22.33 -4.18
N GLY E 114 -43.34 23.29 -4.92
CA GLY E 114 -44.01 23.82 -6.09
C GLY E 114 -44.23 25.32 -6.09
N THR E 115 -44.19 25.91 -7.28
CA THR E 115 -44.49 27.33 -7.48
C THR E 115 -45.41 27.47 -8.68
N THR E 116 -46.19 28.55 -8.69
CA THR E 116 -47.19 28.79 -9.72
C THR E 116 -46.76 29.96 -10.60
N LEU E 117 -46.88 29.79 -11.90
CA LEU E 117 -46.52 30.82 -12.87
C LEU E 117 -47.51 30.75 -14.03
N THR E 118 -48.33 31.80 -14.18
CA THR E 118 -49.29 31.90 -15.27
C THR E 118 -49.01 33.16 -16.08
N VAL E 119 -49.09 33.04 -17.40
CA VAL E 119 -48.79 34.13 -18.31
C VAL E 119 -49.95 34.29 -19.29
N SER E 120 -50.39 35.53 -19.50
CA SER E 120 -51.45 35.83 -20.44
C SER E 120 -51.47 37.32 -20.80
N GLY E 134 -37.82 12.55 -33.94
CA GLY E 134 -39.04 12.95 -33.27
C GLY E 134 -39.93 11.77 -32.91
N GLY E 135 -39.96 10.77 -33.78
CA GLY E 135 -40.76 9.57 -33.56
C GLY E 135 -40.00 8.44 -32.88
N SER E 136 -38.74 8.68 -32.50
CA SER E 136 -37.91 7.65 -31.88
C SER E 136 -38.09 7.58 -30.37
N ASP E 137 -38.79 8.55 -29.77
CA ASP E 137 -38.99 8.53 -28.32
C ASP E 137 -39.97 7.43 -27.93
N ILE E 138 -39.76 6.88 -26.74
CA ILE E 138 -40.60 5.79 -26.23
C ILE E 138 -41.91 6.35 -25.73
N VAL E 139 -43.00 5.63 -25.99
CA VAL E 139 -44.34 6.04 -25.59
C VAL E 139 -44.81 5.08 -24.49
N MET E 140 -45.15 5.63 -23.33
CA MET E 140 -45.60 4.87 -22.18
C MET E 140 -47.10 5.06 -22.05
N THR E 141 -47.85 3.96 -22.12
CA THR E 141 -49.31 4.01 -22.18
C THR E 141 -49.92 3.28 -20.99
N GLN E 142 -50.83 3.95 -20.30
CA GLN E 142 -51.65 3.35 -19.24
C GLN E 142 -53.10 3.43 -19.66
N ALA E 143 -53.74 2.27 -19.84
CA ALA E 143 -55.14 2.24 -20.24
C ALA E 143 -56.07 2.58 -19.07
N THR E 144 -55.64 2.31 -17.84
CA THR E 144 -56.50 2.56 -16.68
C THR E 144 -56.64 4.05 -16.44
N SER E 145 -57.88 4.49 -16.21
CA SER E 145 -58.16 5.89 -15.95
C SER E 145 -59.00 6.06 -14.69
N SER E 146 -59.86 5.08 -14.40
CA SER E 146 -60.72 5.15 -13.23
C SER E 146 -61.18 3.75 -12.87
N VAL E 147 -60.97 3.35 -11.62
CA VAL E 147 -61.39 2.03 -11.15
C VAL E 147 -62.02 2.17 -9.78
N PRO E 148 -63.05 1.36 -9.51
CA PRO E 148 -63.63 1.34 -8.16
C PRO E 148 -62.68 0.71 -7.16
N VAL E 149 -62.82 1.11 -5.90
CA VAL E 149 -61.97 0.62 -4.82
C VAL E 149 -62.85 0.23 -3.63
N THR E 150 -62.51 -0.88 -3.00
CA THR E 150 -63.16 -1.37 -1.79
C THR E 150 -62.10 -1.71 -0.75
N PRO E 151 -62.41 -1.57 0.53
CA PRO E 151 -61.40 -1.80 1.57
C PRO E 151 -61.11 -3.30 1.73
N GLY E 152 -59.86 -3.68 1.49
CA GLY E 152 -59.41 -5.03 1.72
C GLY E 152 -59.63 -6.00 0.57
N GLU E 153 -59.28 -5.58 -0.64
CA GLU E 153 -59.36 -6.43 -1.82
C GLU E 153 -58.14 -6.18 -2.70
N SER E 154 -58.03 -6.97 -3.77
CA SER E 154 -56.90 -6.91 -4.68
C SER E 154 -57.23 -6.06 -5.89
N VAL E 155 -56.22 -5.33 -6.39
CA VAL E 155 -56.36 -4.48 -7.57
C VAL E 155 -55.18 -4.76 -8.49
N SER E 156 -55.36 -4.41 -9.77
CA SER E 156 -54.33 -4.61 -10.77
C SER E 156 -54.28 -3.41 -11.71
N ILE E 157 -53.08 -2.87 -11.93
CA ILE E 157 -52.86 -1.79 -12.86
C ILE E 157 -51.67 -2.15 -13.75
N SER E 158 -51.74 -1.76 -15.02
CA SER E 158 -50.74 -2.14 -16.01
C SER E 158 -50.17 -0.91 -16.69
N CYS E 159 -48.87 -0.94 -16.98
CA CYS E 159 -48.16 0.15 -17.65
C CYS E 159 -47.26 -0.47 -18.72
N ARG E 160 -47.82 -0.63 -19.93
CA ARG E 160 -47.09 -1.25 -21.02
C ARG E 160 -46.17 -0.24 -21.70
N SER E 161 -45.50 -0.69 -22.76
CA SER E 161 -44.52 0.14 -23.46
C SER E 161 -44.50 -0.21 -24.93
N SER E 162 -43.93 0.70 -25.73
CA SER E 162 -43.74 0.48 -27.16
C SER E 162 -42.33 -0.01 -27.49
N LYS E 163 -41.49 -0.23 -26.48
CA LYS E 163 -40.13 -0.71 -26.70
C LYS E 163 -39.73 -1.55 -25.50
N SER E 164 -38.74 -2.41 -25.71
CA SER E 164 -38.25 -3.26 -24.64
C SER E 164 -37.39 -2.46 -23.67
N LEU E 165 -37.72 -2.53 -22.38
CA LEU E 165 -37.00 -1.79 -21.36
C LEU E 165 -35.90 -2.60 -20.69
N LEU E 166 -35.68 -3.84 -21.12
CA LEU E 166 -34.66 -4.70 -20.54
C LEU E 166 -33.33 -4.48 -21.26
N HIS E 167 -32.29 -4.19 -20.49
CA HIS E 167 -30.97 -3.95 -21.04
C HIS E 167 -30.14 -5.24 -21.04
N SER E 168 -29.06 -5.22 -21.81
CA SER E 168 -28.17 -6.38 -21.88
C SER E 168 -27.10 -6.32 -20.80
N ASN E 169 -27.52 -6.06 -19.57
CA ASN E 169 -26.65 -6.18 -18.40
C ASN E 169 -27.37 -6.74 -17.18
N GLY E 170 -28.65 -7.10 -17.28
CA GLY E 170 -29.32 -7.77 -16.19
C GLY E 170 -30.60 -7.12 -15.68
N ASN E 171 -30.63 -5.79 -15.60
CA ASN E 171 -31.72 -5.10 -14.91
C ASN E 171 -32.51 -4.22 -15.87
N THR E 172 -33.81 -4.12 -15.59
CA THR E 172 -34.72 -3.25 -16.31
C THR E 172 -34.96 -1.96 -15.52
N TYR E 173 -35.49 -0.96 -16.21
CA TYR E 173 -35.65 0.39 -15.64
C TYR E 173 -37.11 0.81 -15.71
N LEU E 174 -37.84 0.63 -14.60
CA LEU E 174 -39.21 1.11 -14.49
C LEU E 174 -39.46 1.59 -13.07
N TYR E 175 -40.16 2.72 -12.94
CA TYR E 175 -40.40 3.35 -11.66
C TYR E 175 -41.89 3.64 -11.48
N TRP E 176 -42.32 3.72 -10.22
CA TRP E 176 -43.70 4.00 -9.88
C TRP E 176 -43.77 5.17 -8.90
N PHE E 177 -44.82 5.98 -9.02
CA PHE E 177 -45.00 7.16 -8.21
C PHE E 177 -46.43 7.27 -7.72
N LEU E 178 -46.61 7.96 -6.59
CA LEU E 178 -47.92 8.21 -5.99
C LEU E 178 -48.06 9.68 -5.66
N GLN E 179 -49.20 10.27 -6.04
CA GLN E 179 -49.52 11.65 -5.70
C GLN E 179 -50.88 11.70 -5.02
N ARG E 180 -50.92 12.37 -3.87
CA ARG E 180 -52.13 12.53 -3.07
C ARG E 180 -52.92 13.75 -3.54
N PRO E 181 -54.18 13.89 -3.13
CA PRO E 181 -55.00 14.99 -3.66
C PRO E 181 -54.44 16.37 -3.42
N GLY E 182 -53.69 16.59 -2.35
CA GLY E 182 -53.20 17.92 -2.07
C GLY E 182 -51.74 18.01 -1.66
N GLN E 183 -50.90 17.13 -2.18
CA GLN E 183 -49.48 17.12 -1.85
C GLN E 183 -48.67 16.75 -3.08
N SER E 184 -47.35 16.76 -2.92
CA SER E 184 -46.43 16.43 -4.00
C SER E 184 -46.23 14.93 -4.12
N PRO E 185 -45.86 14.44 -5.30
CA PRO E 185 -45.67 12.99 -5.48
C PRO E 185 -44.46 12.46 -4.73
N GLN E 186 -44.48 11.14 -4.49
CA GLN E 186 -43.39 10.44 -3.84
C GLN E 186 -43.15 9.11 -4.54
N LEU E 187 -42.05 8.45 -4.15
CA LEU E 187 -41.58 7.24 -4.82
C LEU E 187 -42.03 5.99 -4.07
N LEU E 188 -42.40 4.94 -4.82
CA LEU E 188 -42.80 3.67 -4.26
C LEU E 188 -41.83 2.55 -4.60
N ILE E 189 -41.58 2.30 -5.88
CA ILE E 189 -40.79 1.17 -6.33
C ILE E 189 -39.86 1.61 -7.45
N TYR E 190 -38.60 1.17 -7.38
CA TYR E 190 -37.61 1.47 -8.41
C TYR E 190 -37.04 0.18 -8.98
N ARG E 191 -36.92 0.15 -10.32
CA ARG E 191 -36.41 -1.00 -11.06
C ARG E 191 -37.31 -2.24 -10.89
N MET E 192 -38.62 -2.00 -10.77
CA MET E 192 -39.68 -3.00 -10.93
C MET E 192 -39.78 -3.97 -9.75
N SER E 193 -38.77 -4.01 -8.89
CA SER E 193 -38.75 -5.04 -7.85
C SER E 193 -38.40 -4.55 -6.46
N ASN E 194 -37.71 -3.43 -6.32
CA ASN E 194 -37.27 -2.98 -5.01
C ASN E 194 -38.35 -2.15 -4.32
N LEU E 195 -38.21 -2.01 -3.01
CA LEU E 195 -39.15 -1.27 -2.18
C LEU E 195 -38.44 -0.06 -1.58
N ALA E 196 -39.06 1.11 -1.70
CA ALA E 196 -38.46 2.33 -1.19
C ALA E 196 -38.50 2.35 0.33
N SER E 197 -37.49 2.99 0.92
CA SER E 197 -37.39 3.07 2.37
C SER E 197 -38.57 3.88 2.93
N GLY E 198 -39.15 3.37 4.01
CA GLY E 198 -40.29 4.01 4.63
C GLY E 198 -41.64 3.59 4.09
N VAL E 199 -41.68 2.85 2.99
CA VAL E 199 -42.93 2.34 2.42
C VAL E 199 -43.28 1.04 3.12
N PRO E 200 -44.56 0.81 3.44
CA PRO E 200 -44.94 -0.47 4.07
C PRO E 200 -44.68 -1.68 3.17
N ASP E 201 -44.92 -2.87 3.69
CA ASP E 201 -44.65 -4.12 2.98
C ASP E 201 -45.88 -4.66 2.28
N ARG E 202 -46.72 -3.78 1.76
CA ARG E 202 -47.96 -4.16 1.11
C ARG E 202 -47.92 -4.06 -0.41
N PHE E 203 -47.00 -3.27 -0.97
CA PHE E 203 -46.92 -3.08 -2.41
C PHE E 203 -45.87 -4.03 -3.00
N SER E 204 -46.23 -4.66 -4.11
CA SER E 204 -45.33 -5.56 -4.82
C SER E 204 -45.43 -5.29 -6.31
N GLY E 205 -44.33 -5.54 -7.02
CA GLY E 205 -44.27 -5.30 -8.45
C GLY E 205 -43.68 -6.47 -9.19
N SER E 206 -44.18 -6.69 -10.40
CA SER E 206 -43.70 -7.78 -11.24
C SER E 206 -43.99 -7.44 -12.70
N GLY E 207 -43.29 -8.12 -13.59
CA GLY E 207 -43.44 -7.89 -15.02
C GLY E 207 -42.35 -8.58 -15.79
N SER E 208 -42.42 -8.43 -17.11
CA SER E 208 -41.45 -9.08 -18.00
C SER E 208 -41.38 -8.30 -19.31
N GLY E 209 -40.30 -7.54 -19.47
CA GLY E 209 -40.00 -6.92 -20.75
C GLY E 209 -40.86 -5.74 -21.14
N THR E 210 -42.13 -5.99 -21.43
CA THR E 210 -43.03 -4.97 -21.96
C THR E 210 -44.28 -4.73 -21.12
N ALA E 211 -44.71 -5.73 -20.34
CA ALA E 211 -45.89 -5.60 -19.50
C ALA E 211 -45.50 -5.65 -18.04
N PHE E 212 -46.04 -4.72 -17.25
CA PHE E 212 -45.73 -4.61 -15.83
C PHE E 212 -47.02 -4.42 -15.04
N THR E 213 -47.01 -4.86 -13.79
CA THR E 213 -48.19 -4.82 -12.94
C THR E 213 -47.82 -4.32 -11.55
N LEU E 214 -48.81 -3.75 -10.87
CA LEU E 214 -48.69 -3.32 -9.48
C LEU E 214 -49.94 -3.78 -8.74
N THR E 215 -49.74 -4.43 -7.59
CA THR E 215 -50.85 -5.02 -6.83
C THR E 215 -50.82 -4.54 -5.39
N ILE E 216 -52.01 -4.44 -4.80
CA ILE E 216 -52.19 -4.07 -3.40
C ILE E 216 -53.04 -5.14 -2.73
N SER E 217 -52.63 -5.58 -1.54
CA SER E 217 -53.31 -6.70 -0.88
C SER E 217 -54.57 -6.25 -0.17
N ARG E 218 -54.44 -5.36 0.82
CA ARG E 218 -55.59 -4.86 1.59
C ARG E 218 -55.42 -3.36 1.75
N LEU E 219 -56.25 -2.60 1.06
CA LEU E 219 -56.09 -1.15 0.99
C LEU E 219 -56.84 -0.46 2.11
N GLU E 220 -56.17 0.50 2.76
CA GLU E 220 -56.79 1.34 3.76
C GLU E 220 -57.32 2.61 3.10
N ALA E 221 -57.68 3.61 3.90
CA ALA E 221 -58.17 4.88 3.39
C ALA E 221 -57.08 5.95 3.39
N GLU E 222 -55.83 5.55 3.16
CA GLU E 222 -54.71 6.49 3.13
C GLU E 222 -53.95 6.45 1.81
N ASP E 223 -54.47 5.78 0.79
CA ASP E 223 -53.80 5.64 -0.50
C ASP E 223 -54.78 5.93 -1.64
N VAL E 224 -55.52 7.03 -1.51
CA VAL E 224 -56.46 7.47 -2.54
C VAL E 224 -55.79 8.60 -3.32
N GLY E 225 -55.59 8.38 -4.62
CA GLY E 225 -54.94 9.38 -5.44
C GLY E 225 -54.66 8.90 -6.86
N VAL E 226 -53.50 9.25 -7.40
CA VAL E 226 -53.13 8.91 -8.76
C VAL E 226 -51.76 8.25 -8.77
N TYR E 227 -51.51 7.42 -9.78
CA TYR E 227 -50.27 6.69 -9.92
C TYR E 227 -49.65 6.97 -11.29
N TYR E 228 -48.32 6.89 -11.35
CA TYR E 228 -47.58 7.18 -12.57
C TYR E 228 -46.47 6.15 -12.76
N CYS E 229 -46.06 5.97 -14.02
CA CYS E 229 -44.90 5.17 -14.36
C CYS E 229 -44.02 5.94 -15.33
N MET E 230 -42.71 5.69 -15.26
CA MET E 230 -41.75 6.33 -16.16
C MET E 230 -40.72 5.30 -16.59
N GLN E 231 -39.82 5.73 -17.49
CA GLN E 231 -38.73 4.91 -17.96
C GLN E 231 -37.43 5.71 -17.87
N HIS E 232 -36.32 4.99 -17.68
CA HIS E 232 -35.01 5.61 -17.54
C HIS E 232 -33.98 4.95 -18.45
N LEU E 233 -34.40 4.52 -19.64
CA LEU E 233 -33.50 3.87 -20.58
C LEU E 233 -32.95 4.88 -21.60
N GLU E 234 -33.83 5.50 -22.37
CA GLU E 234 -33.43 6.58 -23.28
C GLU E 234 -33.59 7.91 -22.57
N TYR E 235 -32.80 8.90 -22.99
CA TYR E 235 -32.66 10.04 -22.10
C TYR E 235 -33.86 10.98 -22.09
N PRO E 236 -34.51 11.28 -23.23
CA PRO E 236 -35.75 12.06 -23.12
C PRO E 236 -36.78 11.28 -22.32
N LEU E 237 -37.06 11.75 -21.11
CA LEU E 237 -37.84 10.97 -20.15
C LEU E 237 -39.33 11.19 -20.37
N THR E 238 -40.09 10.10 -20.34
CA THR E 238 -41.52 10.12 -20.62
C THR E 238 -42.27 9.51 -19.45
N PHE E 239 -43.36 10.16 -19.06
CA PHE E 239 -44.22 9.68 -17.99
C PHE E 239 -45.45 9.01 -18.58
N GLY E 240 -46.40 8.64 -17.70
CA GLY E 240 -47.64 8.03 -18.10
C GLY E 240 -48.83 8.97 -17.92
N ALA E 241 -49.98 8.48 -18.38
CA ALA E 241 -51.20 9.27 -18.28
C ALA E 241 -51.73 9.31 -16.86
N GLY E 242 -51.68 8.17 -16.16
CA GLY E 242 -52.13 8.10 -14.78
C GLY E 242 -53.50 7.46 -14.67
N THR E 243 -53.78 6.95 -13.46
CA THR E 243 -55.07 6.34 -13.15
C THR E 243 -55.51 6.80 -11.76
N LYS E 244 -56.82 6.79 -11.55
CA LYS E 244 -57.41 7.25 -10.30
C LYS E 244 -57.93 6.06 -9.49
N LEU E 245 -57.67 6.09 -8.19
CA LEU E 245 -58.10 5.06 -7.26
C LEU E 245 -59.29 5.51 -6.42
N GLU E 246 -60.19 6.30 -7.01
CA GLU E 246 -61.33 6.83 -6.29
C GLU E 246 -62.36 5.74 -6.02
N LEU E 247 -63.27 6.04 -5.09
CA LEU E 247 -64.34 5.10 -4.74
C LEU E 247 -65.39 5.03 -5.84
N GLN F 1 6.20 -28.65 21.79
CA GLN F 1 7.02 -28.53 22.99
C GLN F 1 8.42 -28.03 22.65
N VAL F 2 8.83 -26.93 23.29
CA VAL F 2 10.13 -26.33 23.06
C VAL F 2 10.92 -26.33 24.37
N GLN F 3 10.70 -27.37 25.18
CA GLN F 3 11.20 -27.41 26.54
C GLN F 3 12.70 -27.17 26.63
N LEU F 4 13.10 -26.33 27.58
CA LEU F 4 14.50 -26.08 27.91
C LEU F 4 14.70 -26.31 29.39
N GLN F 5 15.72 -27.07 29.75
CA GLN F 5 15.99 -27.42 31.14
C GLN F 5 17.46 -27.21 31.46
N GLU F 6 17.73 -26.64 32.63
CA GLU F 6 19.09 -26.36 33.08
C GLU F 6 19.47 -27.31 34.21
N SER F 7 20.76 -27.63 34.30
CA SER F 7 21.27 -28.48 35.35
C SER F 7 22.56 -27.88 35.91
N GLY F 8 22.74 -28.04 37.22
CA GLY F 8 23.92 -27.54 37.90
C GLY F 8 23.58 -26.39 38.84
N GLY F 9 24.61 -25.93 39.54
CA GLY F 9 24.47 -24.82 40.44
C GLY F 9 24.45 -25.24 41.90
N GLY F 10 25.02 -24.39 42.75
CA GLY F 10 25.05 -24.67 44.17
C GLY F 10 26.01 -23.73 44.88
N LEU F 11 26.20 -24.01 46.17
CA LEU F 11 27.11 -23.21 46.98
C LEU F 11 28.56 -23.42 46.54
N VAL F 12 29.31 -22.33 46.43
CA VAL F 12 30.71 -22.39 46.02
C VAL F 12 31.53 -21.44 46.89
N GLN F 13 32.83 -21.70 46.92
CA GLN F 13 33.80 -20.85 47.60
C GLN F 13 34.34 -19.80 46.64
N PRO F 14 34.83 -18.68 47.15
CA PRO F 14 35.48 -17.69 46.28
C PRO F 14 36.66 -18.31 45.56
N GLY F 15 36.81 -17.96 44.28
CA GLY F 15 37.83 -18.57 43.45
C GLY F 15 37.49 -19.94 42.94
N GLY F 16 36.26 -20.41 43.14
CA GLY F 16 35.87 -21.73 42.70
C GLY F 16 35.49 -21.78 41.24
N SER F 17 35.06 -22.98 40.81
CA SER F 17 34.67 -23.21 39.43
C SER F 17 33.39 -24.04 39.38
N LEU F 18 32.53 -23.71 38.42
CA LEU F 18 31.29 -24.44 38.19
C LEU F 18 31.14 -24.74 36.71
N ARG F 19 30.27 -25.70 36.40
CA ARG F 19 30.05 -26.13 35.03
C ARG F 19 28.54 -26.34 34.85
N LEU F 20 27.98 -25.76 33.79
CA LEU F 20 26.54 -25.78 33.57
C LEU F 20 26.22 -26.33 32.19
N SER F 21 25.03 -26.92 32.07
CA SER F 21 24.55 -27.48 30.82
C SER F 21 23.08 -27.13 30.64
N CYS F 22 22.65 -27.06 29.37
CA CYS F 22 21.28 -26.67 29.02
C CYS F 22 20.78 -27.62 27.93
N ALA F 23 20.12 -28.70 28.36
CA ALA F 23 19.59 -29.68 27.42
C ALA F 23 18.35 -29.12 26.73
N ALA F 24 18.19 -29.46 25.45
CA ALA F 24 17.11 -28.92 24.63
C ALA F 24 16.44 -30.04 23.84
N SER F 25 15.16 -29.83 23.53
CA SER F 25 14.41 -30.76 22.70
C SER F 25 13.22 -30.03 22.10
N GLY F 26 12.72 -30.56 20.99
CA GLY F 26 11.55 -30.03 20.33
C GLY F 26 11.81 -29.14 19.13
N PHE F 27 13.07 -28.95 18.74
CA PHE F 27 13.39 -28.14 17.57
C PHE F 27 14.76 -28.56 17.06
N THR F 28 15.07 -28.14 15.84
CA THR F 28 16.37 -28.43 15.23
C THR F 28 17.41 -27.51 15.86
N PHE F 29 18.31 -28.09 16.66
CA PHE F 29 19.25 -27.31 17.44
C PHE F 29 20.28 -26.57 16.58
N SER F 30 20.47 -26.99 15.33
CA SER F 30 21.51 -26.43 14.48
C SER F 30 20.98 -25.40 13.49
N ASN F 31 19.96 -24.64 13.87
CA ASN F 31 19.44 -23.56 13.05
C ASN F 31 19.27 -22.24 13.78
N TYR F 32 19.51 -22.19 15.09
CA TYR F 32 19.22 -21.02 15.90
C TYR F 32 20.47 -20.54 16.63
N LYS F 33 20.36 -19.34 17.18
CA LYS F 33 21.39 -18.74 18.01
C LYS F 33 20.98 -18.83 19.47
N MET F 34 21.91 -19.24 20.33
CA MET F 34 21.62 -19.45 21.74
C MET F 34 22.44 -18.48 22.59
N ASN F 35 21.98 -18.24 23.81
CA ASN F 35 22.57 -17.22 24.67
C ASN F 35 22.16 -17.44 26.12
N TRP F 36 22.92 -16.83 27.02
CA TRP F 36 22.71 -16.92 28.46
C TRP F 36 22.30 -15.56 29.02
N VAL F 37 21.45 -15.60 30.05
CA VAL F 37 20.90 -14.40 30.69
C VAL F 37 20.82 -14.66 32.19
N ARG F 38 21.13 -13.64 33.00
CA ARG F 38 21.07 -13.77 34.44
C ARG F 38 20.25 -12.62 35.03
N GLN F 39 19.77 -12.85 36.25
CA GLN F 39 18.95 -11.87 36.96
C GLN F 39 19.46 -11.75 38.40
N ALA F 40 19.90 -10.55 38.77
CA ALA F 40 20.38 -10.31 40.12
C ALA F 40 19.21 -10.25 41.10
N PRO F 41 19.47 -10.49 42.38
CA PRO F 41 18.38 -10.40 43.39
C PRO F 41 17.81 -8.99 43.45
N GLY F 42 16.51 -8.89 43.19
CA GLY F 42 15.82 -7.62 43.23
C GLY F 42 16.24 -6.62 42.17
N LYS F 43 16.50 -7.09 40.95
CA LYS F 43 16.89 -6.22 39.84
C LYS F 43 16.27 -6.78 38.57
N GLY F 44 16.72 -6.28 37.43
CA GLY F 44 16.26 -6.73 36.14
C GLY F 44 17.10 -7.86 35.57
N LEU F 45 16.97 -8.07 34.27
CA LEU F 45 17.67 -9.13 33.57
C LEU F 45 18.81 -8.54 32.75
N GLU F 46 19.96 -9.22 32.76
CA GLU F 46 21.17 -8.74 32.11
C GLU F 46 21.69 -9.79 31.13
N TRP F 47 21.89 -9.37 29.89
CA TRP F 47 22.49 -10.24 28.88
C TRP F 47 23.96 -10.51 29.21
N VAL F 48 24.42 -11.72 28.89
CA VAL F 48 25.74 -12.16 29.31
C VAL F 48 26.61 -12.55 28.11
N SER F 49 26.17 -13.53 27.33
CA SER F 49 26.99 -14.07 26.26
C SER F 49 26.10 -14.76 25.24
N ASP F 50 26.66 -15.03 24.07
CA ASP F 50 25.95 -15.75 23.02
C ASP F 50 26.95 -16.43 22.10
N ILE F 51 26.46 -17.39 21.31
CA ILE F 51 27.28 -18.13 20.37
C ILE F 51 26.50 -18.28 19.06
N SER F 52 27.20 -18.18 17.95
CA SER F 52 26.57 -18.23 16.64
C SER F 52 26.09 -19.65 16.32
N GLN F 53 25.56 -19.82 15.12
CA GLN F 53 24.97 -21.10 14.72
C GLN F 53 26.03 -22.19 14.60
N SER F 54 27.19 -21.85 14.05
CA SER F 54 28.25 -22.83 13.83
C SER F 54 29.25 -22.88 14.98
N GLY F 55 29.59 -21.71 15.55
CA GLY F 55 30.57 -21.66 16.61
C GLY F 55 31.77 -20.81 16.26
N ALA F 56 31.58 -19.84 15.38
CA ALA F 56 32.65 -18.96 14.92
C ALA F 56 32.65 -17.60 15.62
N SER F 57 31.49 -17.03 15.89
CA SER F 57 31.38 -15.73 16.53
C SER F 57 30.97 -15.89 17.98
N ILE F 58 31.73 -15.27 18.89
CA ILE F 58 31.48 -15.35 20.31
C ILE F 58 31.55 -13.94 20.89
N SER F 59 30.61 -13.63 21.78
CA SER F 59 30.54 -12.31 22.41
C SER F 59 30.40 -12.46 23.91
N TYR F 60 30.91 -11.47 24.64
CA TYR F 60 30.80 -11.42 26.08
C TYR F 60 30.43 -10.01 26.51
N THR F 61 29.83 -9.90 27.69
CA THR F 61 29.67 -8.59 28.31
C THR F 61 30.99 -8.17 28.95
N GLY F 62 31.10 -6.87 29.23
CA GLY F 62 32.36 -6.33 29.68
C GLY F 62 32.78 -6.77 31.07
N SER F 63 31.83 -7.17 31.91
CA SER F 63 32.13 -7.47 33.30
C SER F 63 32.69 -8.87 33.51
N VAL F 64 32.57 -9.77 32.53
CA VAL F 64 32.94 -11.16 32.69
C VAL F 64 34.01 -11.60 31.71
N LYS F 65 34.61 -10.66 30.97
CA LYS F 65 35.61 -11.03 29.97
C LYS F 65 36.84 -11.62 30.66
N GLY F 66 37.33 -12.73 30.12
CA GLY F 66 38.49 -13.42 30.66
C GLY F 66 38.18 -14.49 31.69
N ARG F 67 36.91 -14.66 32.07
CA ARG F 67 36.55 -15.66 33.07
C ARG F 67 35.47 -16.65 32.61
N PHE F 68 34.75 -16.37 31.52
CA PHE F 68 33.66 -17.21 31.08
C PHE F 68 33.96 -17.77 29.69
N THR F 69 33.43 -18.96 29.43
CA THR F 69 33.61 -19.64 28.14
C THR F 69 32.30 -20.29 27.73
N ILE F 70 31.97 -20.19 26.44
CA ILE F 70 30.73 -20.75 25.91
C ILE F 70 31.09 -21.73 24.79
N SER F 71 30.27 -22.78 24.68
CA SER F 71 30.47 -23.81 23.66
C SER F 71 29.18 -24.57 23.48
N ARG F 72 29.03 -25.19 22.31
CA ARG F 72 27.83 -25.96 21.98
C ARG F 72 28.24 -27.27 21.34
N ASP F 73 27.32 -28.24 21.42
CA ASP F 73 27.51 -29.57 20.83
C ASP F 73 26.30 -29.87 19.95
N ASN F 74 26.46 -29.74 18.63
CA ASN F 74 25.35 -29.95 17.71
C ASN F 74 24.92 -31.40 17.63
N ALA F 75 25.79 -32.35 17.98
CA ALA F 75 25.48 -33.76 17.89
C ALA F 75 24.77 -34.31 19.13
N LYS F 76 24.61 -33.49 20.17
CA LYS F 76 23.94 -33.93 21.39
C LYS F 76 22.94 -32.93 21.95
N ASN F 77 22.77 -31.77 21.31
CA ASN F 77 21.82 -30.75 21.75
C ASN F 77 22.10 -30.29 23.18
N THR F 78 23.29 -29.73 23.37
CA THR F 78 23.69 -29.22 24.68
C THR F 78 24.36 -27.86 24.51
N LEU F 79 24.34 -27.09 25.59
CA LEU F 79 25.00 -25.79 25.67
C LEU F 79 25.73 -25.71 27.00
N TYR F 80 26.97 -25.22 26.97
CA TYR F 80 27.85 -25.24 28.13
C TYR F 80 28.23 -23.83 28.55
N LEU F 81 28.77 -23.73 29.76
CA LEU F 81 29.33 -22.49 30.27
C LEU F 81 30.30 -22.81 31.40
N GLN F 82 31.54 -22.34 31.29
CA GLN F 82 32.57 -22.59 32.27
C GLN F 82 32.83 -21.33 33.09
N MET F 83 32.97 -21.50 34.40
CA MET F 83 33.16 -20.39 35.33
C MET F 83 34.46 -20.59 36.10
N ASN F 84 35.18 -19.48 36.33
CA ASN F 84 36.44 -19.54 37.05
C ASN F 84 36.61 -18.26 37.87
N SER F 85 37.12 -18.42 39.10
CA SER F 85 37.43 -17.31 40.00
C SER F 85 36.21 -16.42 40.22
N LEU F 86 35.18 -17.01 40.82
CA LEU F 86 33.93 -16.31 41.04
C LEU F 86 34.05 -15.31 42.19
N LYS F 87 33.35 -14.19 42.06
CA LYS F 87 33.28 -13.13 43.04
C LYS F 87 31.93 -13.16 43.76
N PRO F 88 31.87 -12.62 44.98
CA PRO F 88 30.61 -12.70 45.75
C PRO F 88 29.42 -12.02 45.08
N GLU F 89 29.65 -11.06 44.18
CA GLU F 89 28.57 -10.39 43.49
C GLU F 89 28.03 -11.20 42.30
N ASP F 90 28.39 -12.47 42.20
CA ASP F 90 27.91 -13.34 41.12
C ASP F 90 26.64 -14.10 41.50
N THR F 91 26.14 -13.93 42.72
CA THR F 91 24.93 -14.62 43.14
C THR F 91 23.74 -14.11 42.32
N ALA F 92 23.10 -15.00 41.58
CA ALA F 92 21.99 -14.65 40.71
C ALA F 92 21.29 -15.95 40.30
N VAL F 93 20.36 -15.83 39.36
CA VAL F 93 19.67 -16.98 38.77
C VAL F 93 19.88 -16.93 37.27
N TYR F 94 20.41 -18.00 36.70
CA TYR F 94 20.86 -18.04 35.32
C TYR F 94 19.85 -18.81 34.47
N TYR F 95 19.49 -18.22 33.32
CA TYR F 95 18.53 -18.80 32.40
C TYR F 95 19.21 -19.19 31.09
N CYS F 96 18.42 -19.72 30.16
CA CYS F 96 18.92 -20.27 28.90
C CYS F 96 17.88 -19.96 27.83
N ALA F 97 18.14 -18.92 27.04
CA ALA F 97 17.17 -18.40 26.09
C ALA F 97 17.55 -18.77 24.66
N ARG F 98 16.55 -18.76 23.78
CA ARG F 98 16.71 -19.09 22.37
C ARG F 98 16.20 -17.95 21.50
N CYS F 99 16.98 -17.61 20.47
CA CYS F 99 16.58 -16.61 19.49
C CYS F 99 15.52 -17.20 18.55
N PRO F 100 14.49 -16.43 18.19
CA PRO F 100 13.50 -16.93 17.23
C PRO F 100 13.93 -16.70 15.79
N ALA F 101 13.06 -17.03 14.83
CA ALA F 101 13.28 -16.72 13.41
C ALA F 101 14.63 -17.24 12.92
N PRO F 102 14.76 -18.55 12.68
CA PRO F 102 16.06 -19.09 12.27
C PRO F 102 16.63 -18.42 11.02
N PHE F 103 17.92 -18.64 10.80
CA PHE F 103 18.66 -18.04 9.69
C PHE F 103 18.61 -16.51 9.75
N THR F 104 18.77 -15.96 10.95
CA THR F 104 18.67 -14.53 11.17
C THR F 104 19.72 -14.11 12.19
N ARG F 105 20.15 -12.85 12.11
CA ARG F 105 21.30 -12.36 12.88
C ARG F 105 20.91 -11.22 13.83
N ASP F 106 19.73 -11.30 14.42
CA ASP F 106 19.36 -10.40 15.51
C ASP F 106 18.27 -11.03 16.34
N CYS F 107 18.12 -10.55 17.58
CA CYS F 107 17.18 -11.12 18.53
C CYS F 107 16.42 -10.01 19.24
N PHE F 108 15.20 -10.34 19.66
CA PHE F 108 14.35 -9.43 20.45
C PHE F 108 13.87 -10.23 21.67
N ASP F 109 14.68 -10.24 22.72
CA ASP F 109 14.45 -11.09 23.88
C ASP F 109 14.81 -10.28 25.14
N VAL F 110 15.03 -10.99 26.25
CA VAL F 110 15.41 -10.48 27.57
C VAL F 110 14.42 -9.38 27.98
N THR F 111 13.16 -9.55 27.57
CA THR F 111 12.08 -8.69 28.01
C THR F 111 11.70 -9.06 29.45
N SER F 112 10.58 -8.53 29.92
CA SER F 112 10.09 -8.86 31.25
C SER F 112 9.58 -10.30 31.24
N THR F 113 8.93 -10.72 32.33
CA THR F 113 8.54 -12.11 32.46
C THR F 113 7.40 -12.44 31.50
N THR F 114 7.68 -12.36 30.20
CA THR F 114 6.72 -12.69 29.17
C THR F 114 7.32 -13.41 27.98
N TYR F 115 8.61 -13.76 28.00
CA TYR F 115 9.23 -14.42 26.87
C TYR F 115 8.94 -15.92 26.92
N ALA F 116 8.44 -16.47 25.81
CA ALA F 116 7.99 -17.86 25.80
C ALA F 116 9.15 -18.84 25.80
N TYR F 117 10.16 -18.60 24.97
CA TYR F 117 11.26 -19.55 24.79
C TYR F 117 12.36 -19.24 25.78
N ARG F 118 12.20 -19.75 27.00
CA ARG F 118 13.16 -19.55 28.06
C ARG F 118 13.02 -20.68 29.08
N GLY F 119 14.09 -20.90 29.84
CA GLY F 119 14.12 -21.94 30.84
C GLY F 119 13.57 -21.49 32.18
N GLN F 120 13.80 -22.31 33.19
CA GLN F 120 13.35 -22.03 34.55
C GLN F 120 14.46 -21.42 35.41
N GLY F 121 15.67 -21.93 35.31
CA GLY F 121 16.81 -21.34 36.00
C GLY F 121 17.35 -22.23 37.11
N THR F 122 18.59 -21.94 37.49
CA THR F 122 19.26 -22.65 38.57
C THR F 122 19.92 -21.62 39.49
N GLN F 123 20.02 -21.99 40.77
CA GLN F 123 20.50 -21.07 41.79
C GLN F 123 22.02 -21.18 41.94
N VAL F 124 22.68 -20.03 41.91
CA VAL F 124 24.13 -19.94 42.13
C VAL F 124 24.36 -19.01 43.31
N THR F 125 25.13 -19.49 44.29
CA THR F 125 25.43 -18.71 45.49
C THR F 125 26.92 -18.77 45.76
N VAL F 126 27.58 -17.61 45.78
CA VAL F 126 29.01 -17.50 46.02
C VAL F 126 29.19 -16.59 47.23
N SER F 127 29.33 -17.19 48.41
CA SER F 127 29.51 -16.42 49.63
C SER F 127 30.20 -17.30 50.66
N SER F 128 30.75 -16.66 51.68
CA SER F 128 31.44 -17.35 52.76
C SER F 128 31.54 -16.48 54.01
#